data_5WEG
#
_entry.id   5WEG
#
_cell.length_a   61.349
_cell.length_b   66.789
_cell.length_c   74.785
_cell.angle_alpha   75.62
_cell.angle_beta   79.00
_cell.angle_gamma   77.52
#
_symmetry.space_group_name_H-M   'P 1'
#
loop_
_entity.id
_entity.type
_entity.pdbx_description
1 polymer 'UTP--glucose-1-phosphate uridylyltransferase'
2 non-polymer 1,2-ETHANEDIOL
3 non-polymer 'SULFATE ION'
4 water water
#
_entity_poly.entity_id   1
_entity_poly.type   'polypeptide(L)'
_entity_poly.pdbx_seq_one_letter_code
;MAAAAAAEVSVDEKLDKLRAEVAKLDQISENEKAGFISLVSRYLSGEAEQIEWSKIQTPTDEVVVPYDTLASPPEDLEET
KKLLDKLVVLKLNGGLGTTMGCTGPKSVIEVRNGFTFLDLIVIQIESLNKKYGCSVPLLLMNSFNTHDDTQKIVEKYSNS
NIEIHTFNQSQYPRIVTEDFLPLPSKGKSGKDGWYPPGHGDVFPSLNNSGKLDILLAQGKEYVFIANSDNLGAIVDIKIL
NHLINNQNEYCMEVTPKTLADVKGGTLISYEGRVQLLEIAQVPDEHVNEFKSIEKFKIFNTNNLWVNLKAIKRLVEAEAL
KMEIIPNPKEVDGVKVLQLETAAGAAIRFFDKAIGINVPRSRFLPVKATSDLLLVQSDLYTLVDGFVIRNPARANPANPS
IELGPEFKKVANFLARFKSIPSIVELDSLKVSGDVWFGSGITLKGKVTITAKSGVKLEIPDGAVLENKDVNGPEDL
;
_entity_poly.pdbx_strand_id   A,B
#
loop_
_chem_comp.id
_chem_comp.type
_chem_comp.name
_chem_comp.formula
EDO non-polymer 1,2-ETHANEDIOL 'C2 H6 O2'
SO4 non-polymer 'SULFATE ION' 'O4 S -2'
#
# COMPACT_ATOMS: atom_id res chain seq x y z
N GLU A 13 7.99 -12.39 -18.09
CA GLU A 13 7.23 -13.14 -17.08
C GLU A 13 7.48 -12.60 -15.68
N LYS A 14 6.57 -11.75 -15.21
CA LYS A 14 6.66 -11.25 -13.84
C LYS A 14 6.57 -12.36 -12.82
N LEU A 15 5.94 -13.48 -13.19
CA LEU A 15 5.82 -14.61 -12.27
C LEU A 15 7.18 -15.18 -11.91
N ASP A 16 8.04 -15.39 -12.91
CA ASP A 16 9.39 -15.90 -12.65
C ASP A 16 10.16 -14.95 -11.76
N LYS A 17 10.10 -13.66 -12.05
CA LYS A 17 10.82 -12.68 -11.24
C LYS A 17 10.37 -12.71 -9.78
N LEU A 18 9.07 -12.94 -9.55
CA LEU A 18 8.59 -13.01 -8.17
C LEU A 18 8.94 -14.36 -7.54
N ARG A 19 8.79 -15.46 -8.27
CA ARG A 19 9.12 -16.77 -7.73
C ARG A 19 10.60 -16.84 -7.33
N ALA A 20 11.47 -16.23 -8.13
CA ALA A 20 12.88 -16.23 -7.80
C ALA A 20 13.15 -15.48 -6.51
N GLU A 21 12.51 -14.32 -6.33
CA GLU A 21 12.71 -13.58 -5.09
C GLU A 21 12.09 -14.28 -3.89
N VAL A 22 10.94 -14.94 -4.10
CA VAL A 22 10.31 -15.70 -3.03
C VAL A 22 11.22 -16.85 -2.60
N ALA A 23 11.91 -17.48 -3.55
CA ALA A 23 12.74 -18.64 -3.22
C ALA A 23 13.88 -18.29 -2.27
N LYS A 24 14.38 -17.05 -2.34
CA LYS A 24 15.46 -16.63 -1.46
C LYS A 24 15.01 -16.40 -0.02
N LEU A 25 13.71 -16.23 0.23
CA LEU A 25 13.27 -15.98 1.60
C LEU A 25 13.56 -17.21 2.46
N ASP A 26 14.07 -16.96 3.67
CA ASP A 26 14.36 -18.04 4.60
C ASP A 26 13.42 -18.08 5.80
N GLN A 27 12.39 -17.21 5.85
CA GLN A 27 11.48 -17.18 6.99
C GLN A 27 10.32 -18.17 6.87
N ILE A 28 10.01 -18.67 5.67
CA ILE A 28 8.86 -19.54 5.49
C ILE A 28 9.26 -20.80 4.75
N SER A 29 8.41 -21.81 4.85
CA SER A 29 8.72 -23.12 4.31
C SER A 29 8.44 -23.19 2.82
N GLU A 30 9.01 -24.23 2.20
CA GLU A 30 8.80 -24.47 0.77
C GLU A 30 7.33 -24.67 0.44
N ASN A 31 6.60 -25.39 1.31
CA ASN A 31 5.16 -25.52 1.14
C ASN A 31 4.49 -24.16 1.06
N GLU A 32 4.90 -23.22 1.91
CA GLU A 32 4.26 -21.90 1.92
C GLU A 32 4.63 -21.09 0.68
N LYS A 33 5.89 -21.16 0.26
CA LYS A 33 6.30 -20.48 -0.97
C LYS A 33 5.50 -21.01 -2.16
N ALA A 34 5.35 -22.35 -2.27
CA ALA A 34 4.60 -22.93 -3.37
C ALA A 34 3.15 -22.49 -3.35
N GLY A 35 2.53 -22.43 -2.16
CA GLY A 35 1.15 -21.99 -2.06
C GLY A 35 0.98 -20.54 -2.46
N PHE A 36 1.92 -19.70 -2.05
CA PHE A 36 1.85 -18.28 -2.39
C PHE A 36 2.02 -18.10 -3.91
N ILE A 37 3.02 -18.77 -4.50
CA ILE A 37 3.25 -18.68 -5.94
C ILE A 37 2.01 -19.15 -6.71
N SER A 38 1.35 -20.19 -6.20
CA SER A 38 0.11 -20.65 -6.84
C SER A 38 -0.95 -19.56 -6.84
N LEU A 39 -1.18 -18.93 -5.68
CA LEU A 39 -2.13 -17.82 -5.62
C LEU A 39 -1.75 -16.73 -6.60
N VAL A 40 -0.47 -16.37 -6.64
CA VAL A 40 -0.02 -15.33 -7.57
C VAL A 40 -0.32 -15.72 -9.01
N SER A 41 -0.10 -17.00 -9.34
CA SER A 41 -0.34 -17.45 -10.71
C SER A 41 -1.80 -17.24 -11.10
N ARG A 42 -2.73 -17.64 -10.22
CA ARG A 42 -4.14 -17.43 -10.51
C ARG A 42 -4.48 -15.95 -10.57
N TYR A 43 -3.86 -15.15 -9.69
CA TYR A 43 -4.14 -13.72 -9.71
C TYR A 43 -3.72 -13.08 -11.03
N LEU A 44 -2.62 -13.55 -11.62
CA LEU A 44 -2.11 -12.91 -12.83
C LEU A 44 -2.79 -13.41 -14.10
N SER A 45 -3.33 -14.63 -14.09
CA SER A 45 -3.88 -15.23 -15.31
C SER A 45 -5.25 -14.66 -15.69
N GLN A 50 -15.53 -14.15 -13.55
CA GLN A 50 -16.92 -13.69 -13.54
C GLN A 50 -17.88 -14.83 -13.90
N ILE A 51 -19.04 -14.82 -13.25
CA ILE A 51 -20.06 -15.85 -13.37
C ILE A 51 -20.96 -15.55 -14.56
N GLU A 52 -21.55 -16.58 -15.13
CA GLU A 52 -22.54 -16.43 -16.18
C GLU A 52 -23.93 -16.40 -15.56
N TRP A 53 -24.54 -15.21 -15.54
CA TRP A 53 -25.73 -14.96 -14.72
C TRP A 53 -26.89 -15.90 -15.09
N SER A 54 -27.11 -16.15 -16.38
CA SER A 54 -28.27 -16.93 -16.81
C SER A 54 -28.25 -18.38 -16.33
N LYS A 55 -27.07 -18.88 -15.91
CA LYS A 55 -26.94 -20.24 -15.40
C LYS A 55 -27.20 -20.37 -13.91
N ILE A 56 -27.29 -19.26 -13.17
CA ILE A 56 -27.50 -19.32 -11.73
C ILE A 56 -28.87 -19.88 -11.42
N GLN A 57 -28.93 -20.85 -10.50
CA GLN A 57 -30.21 -21.36 -10.03
C GLN A 57 -30.31 -21.25 -8.51
N THR A 58 -31.49 -20.89 -8.04
CA THR A 58 -31.80 -20.95 -6.62
C THR A 58 -31.66 -22.39 -6.12
N PRO A 59 -30.92 -22.62 -5.03
CA PRO A 59 -30.84 -23.99 -4.51
C PRO A 59 -32.20 -24.48 -4.05
N THR A 60 -32.49 -25.74 -4.35
CA THR A 60 -33.70 -26.35 -3.83
C THR A 60 -33.52 -26.69 -2.36
N ASP A 61 -34.62 -27.09 -1.73
CA ASP A 61 -34.56 -27.51 -0.33
C ASP A 61 -33.70 -28.74 -0.12
N GLU A 62 -33.34 -29.46 -1.20
CA GLU A 62 -32.40 -30.57 -1.08
C GLU A 62 -30.94 -30.10 -1.03
N VAL A 63 -30.66 -28.94 -1.62
CA VAL A 63 -29.30 -28.40 -1.66
C VAL A 63 -29.04 -27.46 -0.49
N VAL A 64 -29.98 -26.57 -0.18
CA VAL A 64 -29.95 -25.80 1.06
C VAL A 64 -31.08 -26.31 1.94
N VAL A 65 -30.73 -27.10 2.95
CA VAL A 65 -31.69 -27.85 3.75
C VAL A 65 -32.20 -26.92 4.87
N PRO A 66 -33.51 -26.65 4.94
CA PRO A 66 -34.02 -25.86 6.07
C PRO A 66 -33.82 -26.59 7.38
N TYR A 67 -33.35 -25.85 8.38
CA TYR A 67 -33.05 -26.45 9.68
C TYR A 67 -34.27 -27.13 10.28
N ASP A 68 -35.48 -26.59 10.02
CA ASP A 68 -36.70 -27.18 10.59
C ASP A 68 -36.97 -28.60 10.09
N THR A 69 -36.40 -28.99 8.96
CA THR A 69 -36.63 -30.33 8.42
C THR A 69 -35.63 -31.36 8.93
N LEU A 70 -34.65 -30.97 9.74
CA LEU A 70 -33.62 -31.91 10.15
C LEU A 70 -34.17 -33.00 11.06
N ALA A 71 -33.75 -34.24 10.82
CA ALA A 71 -34.14 -35.36 11.66
C ALA A 71 -33.69 -35.14 13.11
N SER A 72 -34.66 -35.13 14.02
CA SER A 72 -34.41 -35.06 15.46
C SER A 72 -33.71 -36.32 15.97
N ASP A 76 -30.76 -39.69 23.65
CA ASP A 76 -29.85 -40.84 23.81
C ASP A 76 -28.39 -40.40 23.97
N LEU A 77 -27.86 -40.55 25.19
CA LEU A 77 -26.53 -40.05 25.50
C LEU A 77 -25.45 -40.86 24.77
N GLU A 78 -25.55 -42.18 24.80
CA GLU A 78 -24.46 -43.01 24.28
C GLU A 78 -24.34 -42.89 22.76
N GLU A 79 -25.46 -42.85 22.05
CA GLU A 79 -25.37 -42.67 20.60
C GLU A 79 -24.86 -41.29 20.22
N THR A 80 -25.17 -40.26 21.03
CA THR A 80 -24.65 -38.93 20.73
C THR A 80 -23.14 -38.88 20.96
N LYS A 81 -22.64 -39.60 21.97
CA LYS A 81 -21.20 -39.71 22.14
C LYS A 81 -20.55 -40.25 20.86
N LYS A 82 -21.18 -41.26 20.24
CA LYS A 82 -20.60 -41.85 19.04
C LYS A 82 -20.50 -40.83 17.92
N LEU A 83 -21.46 -39.91 17.83
CA LEU A 83 -21.33 -38.82 16.87
C LEU A 83 -20.19 -37.89 17.27
N LEU A 84 -20.20 -37.43 18.52
CA LEU A 84 -19.23 -36.42 18.92
C LEU A 84 -17.80 -36.95 18.85
N ASP A 85 -17.61 -38.25 19.10
CA ASP A 85 -16.28 -38.88 18.97
C ASP A 85 -15.66 -38.72 17.59
N LYS A 86 -16.46 -38.35 16.58
CA LYS A 86 -15.98 -38.12 15.23
C LYS A 86 -15.68 -36.65 14.93
N LEU A 87 -15.89 -35.75 15.88
CA LEU A 87 -15.85 -34.32 15.63
C LEU A 87 -14.58 -33.68 16.18
N VAL A 88 -14.06 -32.70 15.44
CA VAL A 88 -13.09 -31.75 15.97
C VAL A 88 -13.64 -30.34 15.79
N VAL A 89 -13.48 -29.51 16.81
CA VAL A 89 -13.92 -28.13 16.75
C VAL A 89 -12.70 -27.26 16.44
N LEU A 90 -12.75 -26.52 15.34
CA LEU A 90 -11.67 -25.62 14.95
C LEU A 90 -12.17 -24.19 15.00
N LYS A 91 -11.41 -23.33 15.70
CA LYS A 91 -11.74 -21.91 15.73
C LYS A 91 -10.67 -21.15 14.95
N LEU A 92 -11.11 -20.30 14.05
CA LEU A 92 -10.25 -19.39 13.31
C LEU A 92 -9.74 -18.31 14.26
N ASN A 93 -8.46 -18.35 14.55
CA ASN A 93 -7.83 -17.53 15.57
C ASN A 93 -6.63 -16.80 14.99
N GLY A 94 -6.66 -16.48 13.71
CA GLY A 94 -5.51 -15.83 13.10
C GLY A 94 -5.53 -14.33 13.14
N GLY A 95 -6.64 -13.73 13.58
CA GLY A 95 -6.83 -12.29 13.51
C GLY A 95 -6.65 -11.58 14.84
N LEU A 96 -6.22 -10.34 14.76
CA LEU A 96 -6.01 -9.50 15.93
C LEU A 96 -7.28 -8.70 16.28
N GLY A 97 -7.27 -8.07 17.46
CA GLY A 97 -8.39 -7.22 17.88
C GLY A 97 -8.30 -5.78 17.44
N THR A 98 -7.55 -5.53 16.35
CA THR A 98 -7.26 -4.17 15.92
C THR A 98 -8.51 -3.34 15.69
N THR A 99 -9.49 -3.91 14.98
CA THR A 99 -10.69 -3.14 14.62
C THR A 99 -11.38 -2.57 15.85
N MET A 100 -11.36 -3.30 16.96
CA MET A 100 -12.04 -2.89 18.17
C MET A 100 -11.08 -2.27 19.18
N GLY A 101 -9.91 -1.82 18.72
CA GLY A 101 -8.98 -1.12 19.58
C GLY A 101 -8.25 -2.00 20.57
N CYS A 102 -7.98 -3.25 20.21
CA CYS A 102 -7.30 -4.14 21.15
C CYS A 102 -6.11 -4.80 20.49
N THR A 103 -5.00 -4.89 21.24
CA THR A 103 -3.89 -5.71 20.80
C THR A 103 -4.12 -7.15 21.22
N GLY A 104 -3.31 -8.05 20.68
CA GLY A 104 -3.48 -9.46 20.94
C GLY A 104 -4.57 -10.08 20.07
N PRO A 105 -4.72 -11.39 20.18
CA PRO A 105 -5.74 -12.09 19.36
C PRO A 105 -7.14 -11.54 19.61
N LYS A 106 -7.94 -11.44 18.56
CA LYS A 106 -9.33 -11.02 18.73
C LYS A 106 -10.06 -11.92 19.74
N SER A 107 -9.71 -13.21 19.78
CA SER A 107 -10.40 -14.16 20.62
C SER A 107 -10.19 -13.95 22.11
N VAL A 108 -9.25 -13.10 22.52
CA VAL A 108 -8.96 -12.86 23.94
C VAL A 108 -9.51 -11.53 24.43
N ILE A 109 -10.33 -10.84 23.63
CA ILE A 109 -11.12 -9.73 24.15
C ILE A 109 -12.16 -10.27 25.13
N GLU A 110 -12.44 -9.53 26.19
CA GLU A 110 -13.47 -9.94 27.13
C GLU A 110 -14.87 -9.69 26.58
N VAL A 111 -15.71 -10.72 26.60
CA VAL A 111 -17.05 -10.65 26.04
C VAL A 111 -18.07 -10.24 27.08
N ARG A 112 -18.08 -10.94 28.20
CA ARG A 112 -19.08 -10.71 29.24
C ARG A 112 -18.59 -11.33 30.53
N ASN A 113 -18.75 -10.59 31.63
CA ASN A 113 -18.46 -11.08 32.99
C ASN A 113 -17.03 -11.57 33.12
N GLY A 114 -16.11 -10.88 32.43
CA GLY A 114 -14.70 -11.21 32.51
C GLY A 114 -14.26 -12.38 31.66
N PHE A 115 -15.16 -13.01 30.91
CA PHE A 115 -14.81 -14.17 30.10
C PHE A 115 -14.53 -13.73 28.67
N THR A 116 -13.39 -14.19 28.13
CA THR A 116 -13.02 -13.93 26.75
C THR A 116 -13.79 -14.87 25.82
N PHE A 117 -13.78 -14.54 24.52
CA PHE A 117 -14.33 -15.45 23.52
C PHE A 117 -13.78 -16.85 23.71
N LEU A 118 -12.47 -16.96 23.89
CA LEU A 118 -11.86 -18.27 24.00
C LEU A 118 -12.23 -18.95 25.31
N ASP A 119 -12.33 -18.17 26.40
CA ASP A 119 -12.83 -18.69 27.68
C ASP A 119 -14.16 -19.41 27.48
N LEU A 120 -15.11 -18.74 26.81
CA LEU A 120 -16.45 -19.29 26.64
C LEU A 120 -16.44 -20.53 25.76
N ILE A 121 -15.66 -20.50 24.67
CA ILE A 121 -15.52 -21.70 23.84
C ILE A 121 -15.07 -22.89 24.67
N VAL A 122 -14.07 -22.68 25.54
CA VAL A 122 -13.55 -23.77 26.35
C VAL A 122 -14.62 -24.29 27.30
N ILE A 123 -15.34 -23.39 27.96
CA ILE A 123 -16.34 -23.83 28.93
C ILE A 123 -17.43 -24.61 28.24
N GLN A 124 -17.80 -24.19 27.02
CA GLN A 124 -18.86 -24.86 26.28
C GLN A 124 -18.45 -26.28 25.89
N ILE A 125 -17.20 -26.45 25.45
CA ILE A 125 -16.73 -27.80 25.11
C ILE A 125 -16.60 -28.64 26.38
N GLU A 126 -16.16 -28.03 27.49
CA GLU A 126 -16.16 -28.73 28.76
C GLU A 126 -17.55 -29.23 29.10
N SER A 127 -18.58 -28.42 28.82
CA SER A 127 -19.96 -28.81 29.11
C SER A 127 -20.38 -29.98 28.22
N LEU A 128 -20.04 -29.89 26.93
CA LEU A 128 -20.30 -30.98 26.00
C LEU A 128 -19.62 -32.26 26.48
N ASN A 129 -18.33 -32.19 26.82
CA ASN A 129 -17.60 -33.37 27.25
C ASN A 129 -18.22 -33.98 28.51
N LYS A 130 -18.67 -33.13 29.45
CA LYS A 130 -19.26 -33.66 30.67
C LYS A 130 -20.58 -34.37 30.40
N LYS A 131 -21.43 -33.77 29.57
CA LYS A 131 -22.77 -34.32 29.39
C LYS A 131 -22.73 -35.67 28.66
N TYR A 132 -21.82 -35.82 27.69
CA TYR A 132 -21.78 -37.00 26.85
C TYR A 132 -20.61 -37.92 27.16
N GLY A 133 -19.74 -37.56 28.09
CA GLY A 133 -18.62 -38.41 28.41
C GLY A 133 -17.61 -38.56 27.29
N CYS A 134 -17.48 -37.55 26.44
CA CYS A 134 -16.56 -37.55 25.32
C CYS A 134 -15.41 -36.57 25.58
N SER A 135 -14.55 -36.40 24.58
CA SER A 135 -13.49 -35.39 24.63
C SER A 135 -13.35 -34.84 23.20
N VAL A 136 -14.22 -33.89 22.87
CA VAL A 136 -14.17 -33.23 21.57
C VAL A 136 -12.96 -32.31 21.59
N PRO A 137 -11.96 -32.53 20.72
CA PRO A 137 -10.78 -31.67 20.76
C PRO A 137 -11.07 -30.29 20.20
N LEU A 138 -10.41 -29.31 20.81
CA LEU A 138 -10.42 -27.94 20.33
C LEU A 138 -9.10 -27.65 19.65
N LEU A 139 -9.19 -27.17 18.40
CA LEU A 139 -8.03 -26.87 17.58
C LEU A 139 -8.10 -25.41 17.19
N LEU A 140 -7.11 -24.63 17.61
CA LEU A 140 -7.05 -23.21 17.28
C LEU A 140 -6.14 -23.01 16.09
N MET A 141 -6.66 -22.40 15.04
CA MET A 141 -5.84 -22.02 13.89
C MET A 141 -5.31 -20.61 14.14
N ASN A 142 -4.02 -20.53 14.48
CA ASN A 142 -3.36 -19.25 14.71
C ASN A 142 -2.72 -18.74 13.43
N SER A 143 -2.22 -17.51 13.50
CA SER A 143 -1.35 -16.92 12.48
C SER A 143 -0.08 -16.47 13.18
N PHE A 144 0.94 -16.08 12.42
CA PHE A 144 2.15 -15.54 13.05
C PHE A 144 1.83 -14.31 13.91
N ASN A 145 0.71 -13.64 13.67
CA ASN A 145 0.31 -12.52 14.50
C ASN A 145 -0.28 -12.93 15.84
N THR A 146 -0.76 -14.17 15.97
CA THR A 146 -1.41 -14.58 17.20
C THR A 146 -0.79 -15.77 17.89
N HIS A 147 0.12 -16.48 17.24
CA HIS A 147 0.46 -17.83 17.67
C HIS A 147 1.18 -17.82 19.02
N ASP A 148 2.17 -16.94 19.19
CA ASP A 148 2.94 -16.94 20.44
C ASP A 148 2.07 -16.50 21.61
N ASP A 149 1.27 -15.45 21.44
CA ASP A 149 0.38 -15.03 22.52
C ASP A 149 -0.63 -16.12 22.86
N THR A 150 -1.16 -16.80 21.83
CA THR A 150 -2.16 -17.83 22.10
C THR A 150 -1.55 -19.02 22.84
N GLN A 151 -0.34 -19.43 22.44
CA GLN A 151 0.40 -20.45 23.20
C GLN A 151 0.48 -20.09 24.68
N LYS A 152 0.86 -18.84 24.98
CA LYS A 152 0.95 -18.42 26.37
C LYS A 152 -0.41 -18.45 27.04
N ILE A 153 -1.44 -17.98 26.33
CA ILE A 153 -2.76 -17.85 26.95
C ILE A 153 -3.36 -19.21 27.25
N VAL A 154 -3.22 -20.20 26.36
CA VAL A 154 -3.92 -21.46 26.59
C VAL A 154 -3.32 -22.25 27.75
N GLU A 155 -2.22 -21.77 28.33
CA GLU A 155 -1.77 -22.38 29.57
C GLU A 155 -2.82 -22.30 30.68
N LYS A 156 -3.72 -21.31 30.64
CA LYS A 156 -4.69 -21.19 31.72
C LYS A 156 -5.78 -22.25 31.68
N TYR A 157 -5.89 -23.01 30.60
CA TYR A 157 -6.86 -24.10 30.49
C TYR A 157 -6.24 -25.46 30.80
N SER A 158 -5.06 -25.48 31.43
CA SER A 158 -4.38 -26.74 31.70
C SER A 158 -5.21 -27.65 32.60
N ASN A 159 -5.95 -27.09 33.54
CA ASN A 159 -6.80 -27.86 34.44
C ASN A 159 -8.23 -28.02 33.92
N SER A 160 -8.50 -27.58 32.69
CA SER A 160 -9.84 -27.67 32.15
C SER A 160 -10.09 -29.05 31.55
N ASN A 161 -11.36 -29.46 31.57
CA ASN A 161 -11.76 -30.76 31.03
C ASN A 161 -11.86 -30.69 29.50
N ILE A 162 -10.69 -30.59 28.87
CA ILE A 162 -10.64 -30.34 27.43
C ILE A 162 -9.27 -30.72 26.91
N GLU A 163 -9.21 -31.10 25.65
CA GLU A 163 -7.96 -31.28 24.92
C GLU A 163 -7.87 -30.13 23.92
N ILE A 164 -6.88 -29.26 24.10
CA ILE A 164 -6.69 -28.09 23.24
C ILE A 164 -5.37 -28.26 22.49
N HIS A 165 -5.42 -28.04 21.17
CA HIS A 165 -4.22 -28.01 20.33
C HIS A 165 -4.26 -26.75 19.47
N THR A 166 -3.10 -26.35 18.97
CA THR A 166 -3.00 -25.20 18.09
C THR A 166 -2.11 -25.54 16.90
N PHE A 167 -2.29 -24.78 15.81
CA PHE A 167 -1.35 -24.82 14.71
C PHE A 167 -1.28 -23.44 14.07
N ASN A 168 -0.20 -23.19 13.35
CA ASN A 168 0.10 -21.90 12.75
C ASN A 168 -0.21 -21.96 11.25
N GLN A 169 -1.07 -21.06 10.77
CA GLN A 169 -1.39 -21.08 9.35
C GLN A 169 -0.23 -20.56 8.51
N SER A 170 -0.47 -20.46 7.22
CA SER A 170 0.55 -20.01 6.29
C SER A 170 0.92 -18.56 6.57
N GLN A 171 2.14 -18.21 6.18
CA GLN A 171 2.68 -16.86 6.30
C GLN A 171 3.16 -16.48 4.91
N TYR A 172 2.47 -15.52 4.29
CA TYR A 172 2.85 -15.16 2.94
C TYR A 172 3.46 -13.77 2.92
N PRO A 173 4.32 -13.47 1.96
CA PRO A 173 4.87 -12.10 1.87
C PRO A 173 3.90 -11.15 1.21
N ARG A 174 3.81 -9.95 1.77
CA ARG A 174 3.10 -8.88 1.08
C ARG A 174 3.85 -8.50 -0.19
N ILE A 175 3.08 -8.10 -1.21
CA ILE A 175 3.61 -7.75 -2.53
C ILE A 175 3.57 -6.24 -2.68
N VAL A 176 4.71 -5.63 -2.98
CA VAL A 176 4.76 -4.19 -3.22
C VAL A 176 4.05 -3.92 -4.54
N THR A 177 2.91 -3.23 -4.48
CA THR A 177 2.05 -3.07 -5.66
C THR A 177 2.77 -2.40 -6.82
N GLU A 178 3.66 -1.45 -6.53
CA GLU A 178 4.29 -0.67 -7.60
C GLU A 178 5.21 -1.51 -8.48
N ASP A 179 6.01 -2.42 -7.90
CA ASP A 179 6.95 -3.18 -8.70
C ASP A 179 6.70 -4.68 -8.67
N PHE A 180 5.63 -5.12 -8.01
CA PHE A 180 5.25 -6.52 -7.93
C PHE A 180 6.39 -7.41 -7.43
N LEU A 181 7.04 -6.95 -6.37
CA LEU A 181 8.09 -7.70 -5.72
C LEU A 181 7.74 -7.90 -4.25
N PRO A 182 8.22 -8.99 -3.64
CA PRO A 182 7.91 -9.21 -2.22
C PRO A 182 8.46 -8.08 -1.36
N LEU A 183 7.67 -7.70 -0.35
CA LEU A 183 8.15 -6.73 0.62
C LEU A 183 9.28 -7.25 1.51
N PRO A 184 9.20 -8.44 2.11
CA PRO A 184 10.31 -8.90 2.97
C PRO A 184 11.50 -9.36 2.14
N SER A 185 12.62 -9.54 2.85
CA SER A 185 13.87 -10.00 2.27
C SER A 185 14.50 -11.08 3.15
N LYS A 186 15.38 -11.86 2.54
CA LYS A 186 16.05 -12.97 3.21
C LYS A 186 16.78 -12.50 4.47
N GLY A 187 16.58 -13.22 5.56
CA GLY A 187 17.28 -12.94 6.81
C GLY A 187 17.04 -11.57 7.40
N LYS A 188 15.81 -11.06 7.30
CA LYS A 188 15.43 -9.83 7.96
C LYS A 188 14.12 -10.05 8.69
N SER A 189 14.04 -9.59 9.94
CA SER A 189 12.83 -9.75 10.74
C SER A 189 11.79 -8.72 10.30
N GLY A 190 10.67 -8.66 11.01
CA GLY A 190 9.66 -7.63 10.77
C GLY A 190 8.32 -8.18 10.32
N LYS A 191 7.34 -8.17 11.22
CA LYS A 191 6.03 -8.70 10.88
C LYS A 191 5.36 -7.92 9.75
N ASP A 192 5.72 -6.64 9.61
CA ASP A 192 5.06 -5.80 8.62
C ASP A 192 5.19 -6.32 7.18
N GLY A 193 6.18 -7.16 6.90
CA GLY A 193 6.35 -7.67 5.54
C GLY A 193 5.42 -8.78 5.13
N TRP A 194 4.57 -9.29 6.04
CA TRP A 194 3.89 -10.56 5.84
C TRP A 194 2.40 -10.44 6.15
N TYR A 195 1.64 -11.49 5.82
CA TYR A 195 0.22 -11.52 6.13
C TYR A 195 -0.27 -12.96 6.12
N PRO A 196 -1.27 -13.30 6.91
CA PRO A 196 -1.89 -14.63 6.80
C PRO A 196 -2.96 -14.63 5.72
N PRO A 197 -2.88 -15.58 4.77
CA PRO A 197 -3.66 -15.48 3.51
C PRO A 197 -5.12 -15.90 3.60
N GLY A 198 -5.83 -15.40 4.61
CA GLY A 198 -7.26 -15.62 4.71
C GLY A 198 -7.63 -16.95 5.36
N HIS A 199 -8.93 -17.11 5.60
CA HIS A 199 -9.43 -18.34 6.20
C HIS A 199 -9.46 -19.51 5.22
N GLY A 200 -9.49 -19.25 3.91
CA GLY A 200 -9.39 -20.36 2.97
C GLY A 200 -8.12 -21.16 3.14
N ASP A 201 -7.10 -20.56 3.75
CA ASP A 201 -5.82 -21.18 4.06
C ASP A 201 -5.95 -22.26 5.12
N VAL A 202 -7.11 -22.37 5.78
CA VAL A 202 -7.25 -23.41 6.81
C VAL A 202 -6.98 -24.79 6.23
N PHE A 203 -7.36 -25.01 4.96
CA PHE A 203 -7.27 -26.36 4.42
C PHE A 203 -5.84 -26.76 4.12
N PRO A 204 -5.05 -26.01 3.35
CA PRO A 204 -3.65 -26.41 3.17
C PRO A 204 -2.86 -26.38 4.47
N SER A 205 -3.20 -25.46 5.38
CA SER A 205 -2.48 -25.33 6.65
C SER A 205 -2.76 -26.50 7.56
N LEU A 206 -4.02 -26.96 7.61
CA LEU A 206 -4.30 -28.19 8.35
C LEU A 206 -3.42 -29.32 7.86
N ASN A 207 -3.22 -29.40 6.53
CA ASN A 207 -2.37 -30.45 5.99
C ASN A 207 -0.90 -30.18 6.30
N ASN A 208 -0.40 -28.97 5.97
CA ASN A 208 1.02 -28.69 6.07
C ASN A 208 1.53 -28.81 7.49
N SER A 209 0.71 -28.42 8.45
CA SER A 209 1.07 -28.42 9.87
C SER A 209 1.17 -29.81 10.45
N GLY A 210 0.62 -30.81 9.77
CA GLY A 210 0.57 -32.18 10.26
C GLY A 210 -0.68 -32.52 11.04
N LYS A 211 -1.51 -31.53 11.36
CA LYS A 211 -2.67 -31.79 12.20
C LYS A 211 -3.67 -32.70 11.48
N LEU A 212 -3.80 -32.53 10.16
CA LEU A 212 -4.78 -33.30 9.40
C LEU A 212 -4.51 -34.81 9.49
N ASP A 213 -3.25 -35.22 9.31
CA ASP A 213 -2.92 -36.64 9.37
C ASP A 213 -3.18 -37.20 10.75
N ILE A 214 -2.90 -36.42 11.78
CA ILE A 214 -3.12 -36.89 13.14
C ILE A 214 -4.60 -37.07 13.39
N LEU A 215 -5.39 -36.04 13.10
CA LEU A 215 -6.84 -36.13 13.22
C LEU A 215 -7.39 -37.34 12.49
N LEU A 216 -6.98 -37.56 11.25
CA LEU A 216 -7.48 -38.71 10.49
C LEU A 216 -7.09 -40.01 11.19
N ALA A 217 -5.82 -40.10 11.62
CA ALA A 217 -5.36 -41.31 12.29
C ALA A 217 -6.10 -41.57 13.59
N GLN A 218 -6.59 -40.51 14.24
CA GLN A 218 -7.35 -40.64 15.48
C GLN A 218 -8.80 -41.02 15.25
N GLY A 219 -9.26 -41.13 14.01
CA GLY A 219 -10.63 -41.48 13.73
C GLY A 219 -11.57 -40.31 13.63
N LYS A 220 -11.07 -39.08 13.64
CA LYS A 220 -11.95 -37.94 13.47
C LYS A 220 -12.37 -37.86 12.01
N GLU A 221 -13.61 -37.41 11.78
CA GLU A 221 -14.17 -37.44 10.44
C GLU A 221 -14.66 -36.09 9.93
N TYR A 222 -15.09 -35.19 10.82
CA TYR A 222 -15.60 -33.88 10.44
C TYR A 222 -14.95 -32.82 11.33
N VAL A 223 -14.67 -31.66 10.75
CA VAL A 223 -14.26 -30.50 11.52
C VAL A 223 -15.37 -29.44 11.41
N PHE A 224 -15.72 -28.86 12.55
CA PHE A 224 -16.65 -27.75 12.63
C PHE A 224 -15.80 -26.48 12.70
N ILE A 225 -15.81 -25.70 11.63
CA ILE A 225 -15.00 -24.48 11.52
C ILE A 225 -15.87 -23.27 11.80
N ALA A 226 -15.37 -22.35 12.61
CA ALA A 226 -16.08 -21.08 12.84
C ALA A 226 -15.10 -20.01 13.31
N ASN A 227 -15.51 -18.76 13.13
CA ASN A 227 -14.80 -17.65 13.72
C ASN A 227 -14.97 -17.68 15.24
N SER A 228 -13.87 -17.45 15.95
CA SER A 228 -13.94 -17.39 17.40
C SER A 228 -14.82 -16.24 17.90
N ASP A 229 -15.18 -15.28 17.05
CA ASP A 229 -16.02 -14.17 17.53
C ASP A 229 -17.51 -14.32 17.17
N ASN A 230 -17.93 -15.49 16.70
CA ASN A 230 -19.35 -15.79 16.54
C ASN A 230 -19.83 -16.53 17.78
N LEU A 231 -20.57 -15.82 18.64
CA LEU A 231 -21.04 -16.41 19.87
C LEU A 231 -22.11 -17.48 19.65
N GLY A 232 -22.70 -17.53 18.47
CA GLY A 232 -23.75 -18.50 18.21
C GLY A 232 -23.26 -19.81 17.66
N ALA A 233 -21.96 -19.91 17.37
CA ALA A 233 -21.40 -21.06 16.66
C ALA A 233 -21.07 -22.18 17.63
N ILE A 234 -22.12 -22.79 18.18
CA ILE A 234 -22.00 -23.89 19.13
C ILE A 234 -22.16 -25.20 18.36
N VAL A 235 -21.62 -26.29 18.91
CA VAL A 235 -21.81 -27.59 18.27
C VAL A 235 -23.29 -27.89 18.24
N ASP A 236 -23.78 -28.30 17.07
CA ASP A 236 -25.20 -28.61 16.88
C ASP A 236 -25.30 -30.08 16.50
N ILE A 237 -25.91 -30.87 17.38
CA ILE A 237 -25.98 -32.32 17.20
C ILE A 237 -26.84 -32.67 15.99
N LYS A 238 -27.94 -31.94 15.78
CA LYS A 238 -28.80 -32.19 14.64
C LYS A 238 -28.05 -32.02 13.33
N ILE A 239 -27.20 -30.99 13.24
CA ILE A 239 -26.42 -30.81 12.03
C ILE A 239 -25.41 -31.94 11.87
N LEU A 240 -24.63 -32.22 12.92
CA LEU A 240 -23.65 -33.31 12.87
C LEU A 240 -24.33 -34.63 12.52
N ASN A 241 -25.47 -34.91 13.14
CA ASN A 241 -26.19 -36.14 12.83
C ASN A 241 -26.53 -36.23 11.34
N HIS A 242 -26.96 -35.10 10.75
CA HIS A 242 -27.32 -35.10 9.33
C HIS A 242 -26.12 -35.43 8.46
N LEU A 243 -24.95 -34.85 8.76
CA LEU A 243 -23.78 -35.06 7.93
C LEU A 243 -23.31 -36.50 7.98
N ILE A 244 -23.23 -37.07 9.19
CA ILE A 244 -22.86 -38.46 9.34
C ILE A 244 -23.83 -39.37 8.59
N ASN A 245 -25.13 -39.09 8.70
CA ASN A 245 -26.14 -39.95 8.06
C ASN A 245 -26.11 -39.83 6.54
N ASN A 246 -25.77 -38.66 6.00
CA ASN A 246 -25.83 -38.47 4.57
C ASN A 246 -24.47 -38.34 3.89
N GLN A 247 -23.38 -38.29 4.68
CA GLN A 247 -21.99 -38.30 4.16
C GLN A 247 -21.72 -37.10 3.25
N ASN A 248 -22.31 -35.97 3.60
CA ASN A 248 -21.95 -34.71 2.96
C ASN A 248 -20.49 -34.39 3.26
N GLU A 249 -19.74 -34.02 2.22
CA GLU A 249 -18.34 -33.66 2.45
C GLU A 249 -18.17 -32.24 2.95
N TYR A 250 -19.20 -31.41 2.85
CA TYR A 250 -19.07 -30.01 3.22
C TYR A 250 -20.47 -29.46 3.43
N CYS A 251 -20.67 -28.82 4.57
CA CYS A 251 -21.94 -28.15 4.82
C CYS A 251 -21.66 -26.74 5.31
N MET A 252 -22.18 -25.75 4.59
CA MET A 252 -22.10 -24.36 5.01
C MET A 252 -23.41 -23.97 5.66
N GLU A 253 -23.35 -23.48 6.89
CA GLU A 253 -24.54 -22.91 7.51
C GLU A 253 -24.84 -21.56 6.87
N VAL A 254 -26.05 -21.40 6.36
CA VAL A 254 -26.52 -20.11 5.89
C VAL A 254 -27.68 -19.69 6.78
N THR A 255 -28.09 -18.43 6.66
CA THR A 255 -29.17 -17.93 7.48
C THR A 255 -29.94 -16.91 6.65
N PRO A 256 -31.21 -16.67 6.96
CA PRO A 256 -31.99 -15.78 6.09
C PRO A 256 -31.39 -14.38 6.04
N LYS A 257 -31.39 -13.78 4.85
CA LYS A 257 -30.87 -12.44 4.71
C LYS A 257 -31.84 -11.42 5.28
N THR A 258 -31.29 -10.43 5.99
CA THR A 258 -32.02 -9.23 6.36
C THR A 258 -31.46 -8.05 5.58
N LEU A 259 -32.00 -6.86 5.88
CA LEU A 259 -31.52 -5.67 5.19
C LEU A 259 -30.07 -5.38 5.53
N ALA A 260 -29.68 -5.64 6.77
CA ALA A 260 -28.32 -5.37 7.21
C ALA A 260 -27.29 -6.33 6.63
N ASP A 261 -27.71 -7.38 5.92
CA ASP A 261 -26.77 -8.36 5.42
C ASP A 261 -26.45 -8.08 3.96
N GLY A 264 -22.79 -9.97 2.18
CA GLY A 264 -22.41 -11.35 2.44
C GLY A 264 -22.63 -12.26 1.24
N GLY A 265 -21.85 -13.33 1.14
CA GLY A 265 -21.99 -14.25 0.02
C GLY A 265 -23.14 -15.22 0.19
N THR A 266 -23.66 -15.69 -0.94
CA THR A 266 -24.85 -16.53 -0.98
C THR A 266 -24.52 -17.87 -1.66
N LEU A 267 -25.29 -18.90 -1.35
CA LEU A 267 -25.13 -20.20 -2.00
C LEU A 267 -26.06 -20.28 -3.21
N ILE A 268 -25.52 -20.76 -4.32
CA ILE A 268 -26.29 -20.93 -5.54
C ILE A 268 -26.04 -22.34 -6.04
N SER A 269 -26.96 -22.81 -6.87
CA SER A 269 -26.67 -23.98 -7.69
C SER A 269 -26.16 -23.51 -9.03
N TYR A 270 -25.02 -24.05 -9.45
CA TYR A 270 -24.35 -23.57 -10.66
C TYR A 270 -23.61 -24.74 -11.30
N GLU A 271 -23.96 -25.06 -12.53
CA GLU A 271 -23.38 -26.19 -13.26
C GLU A 271 -23.51 -27.48 -12.46
N GLY A 272 -24.69 -27.65 -11.86
CA GLY A 272 -25.09 -28.90 -11.26
C GLY A 272 -24.64 -29.14 -9.84
N ARG A 273 -24.01 -28.16 -9.16
CA ARG A 273 -23.56 -28.31 -7.79
C ARG A 273 -23.56 -26.96 -7.10
N VAL A 274 -23.51 -26.99 -5.79
CA VAL A 274 -23.67 -25.78 -5.00
C VAL A 274 -22.34 -25.02 -4.95
N GLN A 275 -22.42 -23.69 -4.99
CA GLN A 275 -21.19 -22.92 -4.84
C GLN A 275 -21.52 -21.60 -4.16
N LEU A 276 -20.49 -21.03 -3.55
CA LEU A 276 -20.58 -19.69 -2.98
C LEU A 276 -20.48 -18.65 -4.09
N LEU A 277 -21.32 -17.62 -4.01
CA LEU A 277 -21.22 -16.48 -4.93
C LEU A 277 -21.04 -15.20 -4.13
N GLU A 278 -19.95 -14.49 -4.41
CA GLU A 278 -19.63 -13.22 -3.77
C GLU A 278 -19.75 -12.09 -4.78
N ILE A 279 -20.02 -10.88 -4.27
CA ILE A 279 -20.32 -9.76 -5.16
C ILE A 279 -19.13 -9.45 -6.05
N ALA A 280 -17.92 -9.79 -5.61
CA ALA A 280 -16.72 -9.61 -6.45
C ALA A 280 -16.82 -10.35 -7.77
N GLN A 281 -17.54 -11.48 -7.81
CA GLN A 281 -17.68 -12.23 -9.05
C GLN A 281 -18.96 -11.90 -9.82
N VAL A 282 -19.70 -10.89 -9.40
CA VAL A 282 -20.96 -10.52 -10.04
C VAL A 282 -20.66 -9.44 -11.08
N PRO A 283 -21.02 -9.64 -12.36
CA PRO A 283 -20.86 -8.57 -13.33
C PRO A 283 -21.60 -7.31 -12.89
N ASP A 284 -21.06 -6.16 -13.29
CA ASP A 284 -21.58 -4.89 -12.80
C ASP A 284 -23.09 -4.78 -13.03
N GLU A 285 -23.56 -5.23 -14.19
CA GLU A 285 -24.97 -5.05 -14.54
C GLU A 285 -25.91 -5.91 -13.71
N HIS A 286 -25.40 -6.80 -12.86
CA HIS A 286 -26.26 -7.62 -12.01
C HIS A 286 -26.00 -7.38 -10.52
N VAL A 287 -25.15 -6.41 -10.18
CA VAL A 287 -24.79 -6.19 -8.78
C VAL A 287 -26.00 -5.75 -7.97
N ASN A 288 -26.87 -4.95 -8.57
CA ASN A 288 -28.06 -4.49 -7.85
C ASN A 288 -29.02 -5.64 -7.59
N GLU A 289 -29.19 -6.53 -8.57
CA GLU A 289 -30.02 -7.70 -8.36
C GLU A 289 -29.42 -8.59 -7.27
N PHE A 290 -28.09 -8.76 -7.28
CA PHE A 290 -27.42 -9.55 -6.26
C PHE A 290 -27.61 -8.92 -4.87
N LYS A 291 -27.37 -7.62 -4.77
CA LYS A 291 -27.48 -6.91 -3.49
C LYS A 291 -28.92 -6.82 -3.00
N SER A 292 -29.90 -7.03 -3.88
CA SER A 292 -31.28 -6.92 -3.44
C SER A 292 -31.62 -7.99 -2.41
N ILE A 293 -32.82 -7.84 -1.84
CA ILE A 293 -33.35 -8.80 -0.89
C ILE A 293 -34.22 -9.84 -1.56
N GLU A 294 -34.52 -9.65 -2.85
CA GLU A 294 -35.58 -10.39 -3.54
C GLU A 294 -35.10 -11.65 -4.24
N LYS A 295 -33.86 -11.69 -4.73
CA LYS A 295 -33.44 -12.85 -5.49
C LYS A 295 -32.70 -13.87 -4.65
N PHE A 296 -31.73 -13.43 -3.85
CA PHE A 296 -30.98 -14.34 -3.02
C PHE A 296 -31.42 -14.13 -1.58
N LYS A 297 -31.81 -15.22 -0.94
CA LYS A 297 -32.51 -15.13 0.33
C LYS A 297 -31.65 -15.56 1.50
N ILE A 298 -30.43 -16.04 1.25
CA ILE A 298 -29.58 -16.61 2.28
C ILE A 298 -28.19 -16.00 2.16
N PHE A 299 -27.43 -16.06 3.26
CA PHE A 299 -26.02 -15.70 3.18
C PHE A 299 -25.21 -16.57 4.13
N ASN A 300 -23.92 -16.62 3.86
CA ASN A 300 -23.00 -17.51 4.56
C ASN A 300 -22.73 -17.00 5.97
N THR A 301 -22.93 -17.86 6.97
CA THR A 301 -22.66 -17.49 8.36
C THR A 301 -21.21 -17.67 8.77
N ASN A 302 -20.40 -18.32 7.93
CA ASN A 302 -19.04 -18.75 8.23
C ASN A 302 -19.02 -19.89 9.25
N ASN A 303 -20.16 -20.49 9.58
CA ASN A 303 -20.13 -21.75 10.32
C ASN A 303 -20.05 -22.87 9.29
N LEU A 304 -18.94 -23.61 9.28
CA LEU A 304 -18.65 -24.59 8.25
C LEU A 304 -18.37 -25.97 8.84
N TRP A 305 -18.95 -27.01 8.24
CA TRP A 305 -18.70 -28.39 8.65
C TRP A 305 -18.08 -29.14 7.47
N VAL A 306 -16.89 -29.72 7.67
CA VAL A 306 -16.15 -30.27 6.53
C VAL A 306 -15.61 -31.65 6.85
N ASN A 307 -15.71 -32.56 5.89
CA ASN A 307 -15.23 -33.93 6.06
C ASN A 307 -13.71 -33.95 5.95
N LEU A 308 -13.04 -34.56 6.93
CA LEU A 308 -11.57 -34.51 6.97
C LEU A 308 -10.93 -35.34 5.85
N LYS A 309 -11.43 -36.54 5.57
CA LYS A 309 -10.86 -37.29 4.45
C LYS A 309 -10.97 -36.51 3.14
N ALA A 310 -12.10 -35.81 2.94
CA ALA A 310 -12.27 -35.03 1.74
C ALA A 310 -11.24 -33.91 1.66
N ILE A 311 -10.98 -33.22 2.77
CA ILE A 311 -9.97 -32.16 2.74
C ILE A 311 -8.65 -32.74 2.28
N LYS A 312 -8.23 -33.85 2.88
CA LYS A 312 -6.94 -34.44 2.53
C LYS A 312 -6.89 -34.78 1.05
N ARG A 313 -7.97 -35.41 0.54
CA ARG A 313 -8.03 -35.75 -0.87
C ARG A 313 -7.84 -34.52 -1.74
N LEU A 314 -8.59 -33.46 -1.46
CA LEU A 314 -8.62 -32.29 -2.32
C LEU A 314 -7.38 -31.43 -2.17
N VAL A 315 -6.83 -31.36 -0.96
CA VAL A 315 -5.53 -30.72 -0.79
C VAL A 315 -4.49 -31.45 -1.63
N GLU A 316 -4.46 -32.79 -1.56
CA GLU A 316 -3.44 -33.56 -2.29
C GLU A 316 -3.64 -33.50 -3.80
N ALA A 317 -4.88 -33.37 -4.25
CA ALA A 317 -5.12 -33.23 -5.68
C ALA A 317 -4.87 -31.81 -6.16
N GLU A 318 -4.51 -30.89 -5.25
CA GLU A 318 -4.32 -29.48 -5.60
C GLU A 318 -5.59 -28.92 -6.25
N ALA A 319 -6.74 -29.33 -5.73
CA ALA A 319 -8.02 -28.95 -6.33
C ALA A 319 -8.62 -27.70 -5.72
N LEU A 320 -8.16 -27.25 -4.55
CA LEU A 320 -8.85 -26.14 -3.86
C LEU A 320 -8.34 -24.83 -4.43
N LYS A 321 -8.95 -24.41 -5.54
CA LYS A 321 -8.55 -23.22 -6.28
C LYS A 321 -9.60 -22.14 -6.09
N MET A 322 -9.73 -21.66 -4.86
CA MET A 322 -10.72 -20.65 -4.53
C MET A 322 -10.39 -19.32 -5.23
N GLU A 323 -11.42 -18.51 -5.44
CA GLU A 323 -11.26 -17.17 -5.99
C GLU A 323 -10.24 -16.37 -5.18
N ILE A 324 -9.39 -15.64 -5.88
CA ILE A 324 -8.41 -14.79 -5.22
C ILE A 324 -9.10 -13.54 -4.70
N ILE A 325 -8.87 -13.21 -3.43
CA ILE A 325 -9.34 -11.98 -2.81
C ILE A 325 -8.10 -11.09 -2.59
N PRO A 326 -8.00 -9.95 -3.27
CA PRO A 326 -6.73 -9.19 -3.24
C PRO A 326 -6.39 -8.56 -1.89
N ASN A 327 -7.37 -8.05 -1.16
CA ASN A 327 -7.23 -7.36 0.12
C ASN A 327 -6.02 -6.41 0.20
N PRO A 328 -6.03 -5.30 -0.54
CA PRO A 328 -4.88 -4.38 -0.50
C PRO A 328 -4.78 -3.62 0.81
N LYS A 329 -3.55 -3.21 1.12
CA LYS A 329 -3.23 -2.54 2.38
C LYS A 329 -2.14 -1.51 2.12
N GLU A 330 -1.81 -0.75 3.17
CA GLU A 330 -0.70 0.19 3.16
C GLU A 330 0.22 -0.09 4.34
N VAL A 331 1.51 -0.20 4.06
CA VAL A 331 2.53 -0.39 5.08
C VAL A 331 3.38 0.88 5.09
N ASP A 332 3.15 1.73 6.09
CA ASP A 332 3.77 3.05 6.17
C ASP A 332 3.53 3.83 4.87
N GLY A 333 2.29 3.80 4.41
CA GLY A 333 1.89 4.52 3.22
C GLY A 333 2.24 3.87 1.90
N VAL A 334 2.85 2.68 1.90
CA VAL A 334 3.28 2.00 0.69
C VAL A 334 2.26 0.92 0.35
N LYS A 335 1.70 0.98 -0.86
CA LYS A 335 0.61 0.09 -1.24
C LYS A 335 1.12 -1.34 -1.44
N VAL A 336 0.42 -2.31 -0.84
CA VAL A 336 0.78 -3.70 -1.00
C VAL A 336 -0.47 -4.52 -1.35
N LEU A 337 -0.21 -5.68 -1.96
CA LEU A 337 -1.21 -6.70 -2.21
C LEU A 337 -1.13 -7.81 -1.17
N GLN A 338 -2.29 -8.36 -0.77
CA GLN A 338 -2.37 -9.50 0.14
C GLN A 338 -3.34 -10.54 -0.45
N LEU A 339 -2.84 -11.40 -1.35
CA LEU A 339 -3.72 -12.35 -2.00
C LEU A 339 -4.21 -13.39 -0.99
N GLU A 340 -5.53 -13.53 -0.90
CA GLU A 340 -6.18 -14.37 0.11
C GLU A 340 -7.26 -15.23 -0.55
N THR A 341 -7.72 -16.24 0.19
CA THR A 341 -8.86 -17.04 -0.23
C THR A 341 -9.77 -17.25 0.97
N ALA A 342 -11.04 -17.55 0.67
CA ALA A 342 -12.06 -17.70 1.69
C ALA A 342 -12.35 -19.17 1.94
N ALA A 343 -12.64 -19.52 3.19
CA ALA A 343 -12.93 -20.92 3.48
C ALA A 343 -14.27 -21.33 2.86
N GLY A 344 -15.27 -20.45 2.88
CA GLY A 344 -16.57 -20.79 2.33
C GLY A 344 -16.53 -21.06 0.83
N ALA A 345 -15.65 -20.37 0.10
CA ALA A 345 -15.54 -20.55 -1.35
C ALA A 345 -15.10 -21.97 -1.73
N ALA A 346 -14.53 -22.72 -0.79
CA ALA A 346 -14.09 -24.07 -1.09
C ALA A 346 -15.24 -25.03 -1.37
N ILE A 347 -16.48 -24.64 -1.03
CA ILE A 347 -17.56 -25.62 -1.07
C ILE A 347 -17.77 -26.21 -2.46
N ARG A 348 -17.46 -25.45 -3.52
CA ARG A 348 -17.79 -25.99 -4.83
C ARG A 348 -16.87 -27.13 -5.26
N PHE A 349 -15.84 -27.45 -4.47
CA PHE A 349 -14.93 -28.55 -4.80
C PHE A 349 -15.25 -29.83 -4.04
N PHE A 350 -16.17 -29.77 -3.10
CA PHE A 350 -16.49 -30.90 -2.25
C PHE A 350 -17.75 -31.59 -2.79
N ASP A 351 -17.81 -32.90 -2.61
CA ASP A 351 -18.93 -33.68 -3.14
C ASP A 351 -20.03 -33.75 -2.11
N LYS A 352 -21.26 -33.97 -2.59
CA LYS A 352 -22.44 -34.01 -1.74
C LYS A 352 -22.51 -32.79 -0.83
N ALA A 353 -22.04 -31.65 -1.32
CA ALA A 353 -22.01 -30.43 -0.51
C ALA A 353 -23.39 -29.82 -0.43
N ILE A 354 -23.73 -29.27 0.73
CA ILE A 354 -25.04 -28.68 0.95
C ILE A 354 -24.88 -27.40 1.76
N GLY A 355 -25.92 -26.59 1.77
CA GLY A 355 -26.10 -25.59 2.79
C GLY A 355 -27.10 -26.10 3.80
N ILE A 356 -27.06 -25.57 5.00
CA ILE A 356 -28.18 -25.71 5.93
C ILE A 356 -28.60 -24.32 6.36
N ASN A 357 -29.89 -24.05 6.27
CA ASN A 357 -30.41 -22.72 6.56
C ASN A 357 -30.82 -22.71 8.03
N VAL A 358 -30.00 -22.04 8.86
CA VAL A 358 -30.14 -22.10 10.31
C VAL A 358 -30.77 -20.81 10.84
N PRO A 359 -31.45 -20.86 11.98
CA PRO A 359 -31.93 -19.63 12.62
C PRO A 359 -30.76 -18.71 12.96
N ARG A 360 -31.06 -17.40 13.04
CA ARG A 360 -30.02 -16.41 13.24
C ARG A 360 -29.40 -16.46 14.63
N SER A 361 -29.96 -17.23 15.56
CA SER A 361 -29.28 -17.40 16.84
C SER A 361 -27.92 -18.08 16.68
N ARG A 362 -27.68 -18.75 15.56
CA ARG A 362 -26.35 -19.29 15.29
C ARG A 362 -25.43 -18.28 14.62
N PHE A 363 -25.87 -17.03 14.44
CA PHE A 363 -25.08 -15.99 13.81
C PHE A 363 -25.12 -14.78 14.74
N LEU A 364 -24.17 -14.72 15.66
CA LEU A 364 -24.04 -13.61 16.59
C LEU A 364 -22.59 -13.16 16.62
N PRO A 365 -22.12 -12.53 15.54
CA PRO A 365 -20.71 -12.12 15.51
C PRO A 365 -20.54 -10.81 16.25
N VAL A 366 -19.44 -10.72 16.98
CA VAL A 366 -19.05 -9.50 17.65
C VAL A 366 -17.95 -8.89 16.79
N LYS A 367 -18.33 -7.87 15.99
CA LYS A 367 -17.39 -7.15 15.15
C LYS A 367 -17.15 -5.71 15.60
N ALA A 368 -18.04 -5.13 16.40
CA ALA A 368 -17.90 -3.77 16.88
C ALA A 368 -18.32 -3.70 18.34
N THR A 369 -17.97 -2.57 18.98
CA THR A 369 -18.40 -2.35 20.37
C THR A 369 -19.92 -2.26 20.48
N SER A 370 -20.62 -1.88 19.41
CA SER A 370 -22.07 -1.94 19.45
C SER A 370 -22.58 -3.35 19.69
N ASP A 371 -21.88 -4.37 19.16
CA ASP A 371 -22.25 -5.76 19.43
C ASP A 371 -21.96 -6.15 20.88
N LEU A 372 -20.87 -5.61 21.44
CA LEU A 372 -20.59 -5.84 22.85
C LEU A 372 -21.71 -5.31 23.72
N LEU A 373 -22.24 -4.14 23.37
CA LEU A 373 -23.34 -3.57 24.13
C LEU A 373 -24.47 -4.57 24.23
N LEU A 374 -24.84 -5.16 23.09
CA LEU A 374 -25.91 -6.16 23.06
C LEU A 374 -25.62 -7.32 24.01
N VAL A 375 -24.46 -7.98 23.86
CA VAL A 375 -24.23 -9.19 24.64
C VAL A 375 -23.94 -8.91 26.10
N GLN A 376 -23.44 -7.72 26.42
CA GLN A 376 -23.22 -7.37 27.82
C GLN A 376 -24.47 -6.80 28.48
N SER A 377 -25.54 -6.59 27.72
CA SER A 377 -26.75 -5.98 28.27
C SER A 377 -27.62 -7.05 28.94
N ASP A 378 -28.79 -6.62 29.40
CA ASP A 378 -29.76 -7.55 29.95
C ASP A 378 -30.46 -8.37 28.87
N LEU A 379 -30.09 -8.15 27.60
CA LEU A 379 -30.61 -8.96 26.50
C LEU A 379 -30.03 -10.39 26.51
N TYR A 380 -28.89 -10.61 27.16
CA TYR A 380 -28.28 -11.92 27.21
C TYR A 380 -27.81 -12.20 28.63
N THR A 381 -27.61 -13.48 28.92
CA THR A 381 -26.91 -13.93 30.12
C THR A 381 -25.99 -15.08 29.75
N LEU A 382 -25.14 -15.47 30.68
CA LEU A 382 -24.24 -16.60 30.50
C LEU A 382 -24.75 -17.78 31.30
N VAL A 383 -24.87 -18.93 30.65
CA VAL A 383 -25.28 -20.16 31.32
C VAL A 383 -24.31 -21.25 30.90
N ASP A 384 -23.42 -21.63 31.82
CA ASP A 384 -22.41 -22.66 31.59
C ASP A 384 -21.60 -22.38 30.32
N GLY A 385 -21.19 -21.13 30.14
CA GLY A 385 -20.41 -20.73 28.99
C GLY A 385 -21.22 -20.32 27.78
N PHE A 386 -22.50 -20.66 27.73
CA PHE A 386 -23.33 -20.32 26.58
C PHE A 386 -24.00 -18.96 26.75
N VAL A 387 -24.09 -18.22 25.64
CA VAL A 387 -24.73 -16.92 25.58
C VAL A 387 -26.22 -17.14 25.29
N ILE A 388 -27.07 -16.87 26.28
CA ILE A 388 -28.49 -17.21 26.22
C ILE A 388 -29.29 -15.93 26.15
N ARG A 389 -30.17 -15.82 25.14
CA ARG A 389 -30.96 -14.61 24.99
C ARG A 389 -32.08 -14.55 26.03
N ASN A 390 -32.30 -13.36 26.56
CA ASN A 390 -33.36 -13.13 27.54
C ASN A 390 -34.71 -13.42 26.92
N PRO A 391 -35.47 -14.40 27.43
CA PRO A 391 -36.77 -14.71 26.82
C PRO A 391 -37.81 -13.62 27.02
N ALA A 392 -37.55 -12.65 27.89
CA ALA A 392 -38.51 -11.58 28.10
C ALA A 392 -38.57 -10.62 26.93
N ARG A 393 -37.60 -10.65 26.02
CA ARG A 393 -37.71 -9.87 24.79
C ARG A 393 -38.43 -10.72 23.76
N ALA A 394 -39.70 -10.43 23.54
CA ALA A 394 -40.51 -11.24 22.64
C ALA A 394 -40.06 -11.09 21.19
N ASN A 395 -39.59 -9.91 20.81
CA ASN A 395 -39.11 -9.67 19.45
C ASN A 395 -37.86 -10.51 19.19
N PRO A 396 -37.85 -11.41 18.20
CA PRO A 396 -36.65 -12.21 17.92
C PRO A 396 -35.55 -11.42 17.25
N ALA A 397 -35.85 -10.22 16.76
CA ALA A 397 -34.82 -9.33 16.25
C ALA A 397 -34.16 -8.56 17.38
N ASN A 398 -32.85 -8.43 17.32
CA ASN A 398 -32.12 -7.61 18.27
C ASN A 398 -32.29 -6.12 17.96
N PRO A 399 -32.21 -5.25 18.97
CA PRO A 399 -32.28 -3.82 18.67
C PRO A 399 -31.07 -3.42 17.84
N SER A 400 -31.28 -2.42 16.98
CA SER A 400 -30.20 -1.84 16.20
C SER A 400 -29.41 -0.85 17.07
N ILE A 401 -28.08 -0.91 17.00
CA ILE A 401 -27.25 -0.06 17.86
C ILE A 401 -26.15 0.58 17.03
N GLU A 402 -26.09 1.90 17.06
CA GLU A 402 -25.12 2.66 16.28
C GLU A 402 -24.44 3.65 17.21
N LEU A 403 -23.11 3.60 17.28
CA LEU A 403 -22.33 4.46 18.15
C LEU A 403 -21.26 5.17 17.33
N GLY A 404 -20.95 6.40 17.70
CA GLY A 404 -19.94 7.16 17.01
C GLY A 404 -18.53 6.62 17.24
N PRO A 405 -17.56 7.20 16.54
CA PRO A 405 -16.16 6.72 16.67
C PRO A 405 -15.60 6.84 18.08
N GLU A 406 -16.18 7.71 18.92
CA GLU A 406 -15.80 7.82 20.33
C GLU A 406 -15.89 6.47 21.04
N PHE A 407 -16.74 5.57 20.57
CA PHE A 407 -16.98 4.26 21.16
C PHE A 407 -16.27 3.13 20.45
N LYS A 408 -15.44 3.41 19.44
CA LYS A 408 -14.88 2.35 18.59
C LYS A 408 -13.98 1.40 19.38
N LYS A 409 -13.11 1.94 20.21
CA LYS A 409 -12.17 1.14 21.00
C LYS A 409 -12.86 0.59 22.24
N VAL A 410 -12.58 -0.68 22.56
CA VAL A 410 -13.23 -1.35 23.69
C VAL A 410 -13.08 -0.57 24.98
N ALA A 411 -11.85 -0.13 25.30
CA ALA A 411 -11.65 0.56 26.58
C ALA A 411 -12.46 1.85 26.63
N ASN A 412 -12.53 2.59 25.52
CA ASN A 412 -13.33 3.81 25.48
C ASN A 412 -14.80 3.50 25.57
N PHE A 413 -15.24 2.41 24.93
CA PHE A 413 -16.63 1.97 25.05
C PHE A 413 -16.97 1.65 26.49
N LEU A 414 -16.07 0.95 27.20
CA LEU A 414 -16.37 0.60 28.59
C LEU A 414 -16.38 1.83 29.50
N ALA A 415 -15.45 2.76 29.28
CA ALA A 415 -15.43 3.96 30.11
C ALA A 415 -16.70 4.77 29.94
N ARG A 416 -17.26 4.79 28.72
CA ARG A 416 -18.40 5.64 28.42
C ARG A 416 -19.74 5.02 28.82
N PHE A 417 -19.74 3.80 29.37
CA PHE A 417 -20.94 3.17 29.92
C PHE A 417 -20.64 2.76 31.37
N LYS A 418 -21.05 3.60 32.32
CA LYS A 418 -20.86 3.28 33.74
C LYS A 418 -21.46 1.91 34.08
N SER A 419 -22.63 1.63 33.53
CA SER A 419 -23.15 0.27 33.39
C SER A 419 -23.78 0.19 32.02
N ILE A 420 -24.05 -1.04 31.55
CA ILE A 420 -24.69 -1.24 30.25
C ILE A 420 -26.18 -0.97 30.43
N PRO A 421 -26.80 -0.08 29.65
CA PRO A 421 -28.23 0.19 29.86
C PRO A 421 -29.09 -1.03 29.57
N SER A 422 -30.24 -1.09 30.23
CA SER A 422 -31.23 -2.11 29.92
C SER A 422 -31.86 -1.79 28.56
N ILE A 423 -31.90 -2.78 27.67
CA ILE A 423 -32.37 -2.55 26.30
C ILE A 423 -33.38 -3.60 25.86
N VAL A 424 -33.90 -4.39 26.81
CA VAL A 424 -34.88 -5.43 26.48
C VAL A 424 -36.01 -4.86 25.62
N GLU A 425 -36.44 -3.63 25.91
CA GLU A 425 -37.53 -2.99 25.17
C GLU A 425 -37.05 -1.95 24.17
N LEU A 426 -35.76 -1.93 23.86
CA LEU A 426 -35.21 -0.99 22.89
C LEU A 426 -35.54 -1.41 21.46
N ASP A 427 -35.87 -0.43 20.63
CA ASP A 427 -35.99 -0.67 19.20
C ASP A 427 -34.69 -0.33 18.49
N SER A 428 -34.17 0.88 18.70
CA SER A 428 -32.92 1.30 18.08
C SER A 428 -32.29 2.39 18.93
N LEU A 429 -30.95 2.41 18.95
CA LEU A 429 -30.19 3.45 19.63
C LEU A 429 -29.14 4.00 18.68
N LYS A 430 -29.09 5.33 18.54
CA LYS A 430 -27.99 5.97 17.81
C LYS A 430 -27.38 7.03 18.70
N VAL A 431 -26.06 7.01 18.82
CA VAL A 431 -25.31 7.94 19.67
C VAL A 431 -24.20 8.55 18.83
N SER A 432 -24.11 9.88 18.83
CA SER A 432 -22.97 10.55 18.22
C SER A 432 -22.51 11.70 19.12
N GLY A 433 -21.24 12.06 18.97
CA GLY A 433 -20.65 13.09 19.81
C GLY A 433 -20.09 12.52 21.08
N ASP A 434 -19.57 13.43 21.92
CA ASP A 434 -18.89 13.11 23.17
C ASP A 434 -19.93 12.83 24.25
N VAL A 435 -20.37 11.57 24.34
CA VAL A 435 -21.47 11.17 25.20
C VAL A 435 -20.97 10.19 26.24
N TRP A 436 -21.41 10.37 27.49
CA TRP A 436 -21.03 9.55 28.63
C TRP A 436 -22.28 9.09 29.35
N PHE A 437 -22.50 7.77 29.39
CA PHE A 437 -23.64 7.17 30.05
C PHE A 437 -23.30 6.84 31.50
N GLY A 438 -24.18 7.25 32.42
CA GLY A 438 -24.12 6.79 33.79
C GLY A 438 -24.62 5.36 33.93
N SER A 439 -25.01 5.00 35.15
CA SER A 439 -25.45 3.64 35.41
C SER A 439 -26.94 3.59 35.64
N GLY A 440 -27.49 2.38 35.55
CA GLY A 440 -28.89 2.18 35.83
C GLY A 440 -29.83 2.79 34.82
N ILE A 441 -29.38 2.99 33.61
CA ILE A 441 -30.19 3.64 32.58
C ILE A 441 -31.01 2.59 31.84
N THR A 442 -32.23 2.98 31.46
CA THR A 442 -33.11 2.14 30.65
C THR A 442 -33.43 2.87 29.35
N LEU A 443 -33.30 2.15 28.24
CA LEU A 443 -33.60 2.69 26.92
C LEU A 443 -34.74 1.91 26.27
N LYS A 444 -35.76 2.62 25.78
CA LYS A 444 -36.94 2.01 25.19
C LYS A 444 -37.27 2.66 23.85
N GLY A 445 -37.78 1.85 22.92
CA GLY A 445 -38.26 2.40 21.66
C GLY A 445 -37.11 2.93 20.82
N LYS A 446 -37.32 4.10 20.22
CA LYS A 446 -36.31 4.72 19.38
C LYS A 446 -35.59 5.81 20.17
N VAL A 447 -34.29 5.63 20.38
CA VAL A 447 -33.50 6.60 21.15
C VAL A 447 -32.36 7.10 20.27
N THR A 448 -32.27 8.41 20.15
CA THR A 448 -31.16 9.06 19.47
C THR A 448 -30.54 10.07 20.42
N ILE A 449 -29.22 10.10 20.48
CA ILE A 449 -28.51 11.04 21.32
C ILE A 449 -27.41 11.68 20.47
N THR A 450 -27.47 13.00 20.34
CA THR A 450 -26.63 13.76 19.42
C THR A 450 -26.00 14.90 20.21
N ALA A 451 -24.76 14.71 20.68
CA ALA A 451 -24.04 15.74 21.40
C ALA A 451 -23.34 16.65 20.39
N LYS A 452 -23.71 17.93 20.39
CA LYS A 452 -23.17 18.88 19.44
C LYS A 452 -21.67 19.11 19.67
N SER A 453 -21.04 19.71 18.67
CA SER A 453 -19.60 19.94 18.71
C SER A 453 -19.20 20.71 19.97
N GLY A 454 -18.23 20.17 20.70
CA GLY A 454 -17.74 20.81 21.91
C GLY A 454 -18.48 20.47 23.18
N VAL A 455 -19.57 19.71 23.09
CA VAL A 455 -20.41 19.43 24.25
C VAL A 455 -20.09 18.03 24.77
N LYS A 456 -19.71 17.95 26.06
CA LYS A 456 -19.53 16.67 26.74
C LYS A 456 -20.84 16.33 27.44
N LEU A 457 -21.65 15.48 26.80
CA LEU A 457 -23.00 15.24 27.26
C LEU A 457 -23.04 14.03 28.20
N GLU A 458 -23.68 14.21 29.36
CA GLU A 458 -23.77 13.16 30.36
C GLU A 458 -25.22 12.69 30.46
N ILE A 459 -25.43 11.39 30.31
CA ILE A 459 -26.74 10.78 30.53
C ILE A 459 -26.81 10.37 31.99
N PRO A 460 -27.71 10.95 32.79
CA PRO A 460 -27.61 10.79 34.24
C PRO A 460 -27.90 9.37 34.70
N ASP A 461 -27.33 9.02 35.85
CA ASP A 461 -27.66 7.75 36.49
C ASP A 461 -29.17 7.60 36.62
N GLY A 462 -29.68 6.43 36.26
CA GLY A 462 -31.10 6.15 36.44
C GLY A 462 -32.00 6.71 35.37
N ALA A 463 -31.46 7.36 34.34
CA ALA A 463 -32.29 7.93 33.30
C ALA A 463 -33.08 6.85 32.56
N VAL A 464 -34.31 7.19 32.21
CA VAL A 464 -35.16 6.38 31.34
C VAL A 464 -35.39 7.19 30.08
N LEU A 465 -34.93 6.70 28.95
CA LEU A 465 -35.11 7.36 27.67
C LEU A 465 -35.99 6.49 26.80
N GLU A 466 -37.14 7.02 26.39
CA GLU A 466 -38.10 6.24 25.62
C GLU A 466 -38.62 7.09 24.47
N ASN A 467 -38.40 6.62 23.23
CA ASN A 467 -38.87 7.31 22.02
C ASN A 467 -38.51 8.80 22.09
N LYS A 468 -37.22 9.05 22.21
CA LYS A 468 -36.70 10.37 22.59
C LYS A 468 -35.48 10.68 21.74
N ASP A 469 -35.41 11.90 21.20
CA ASP A 469 -34.19 12.42 20.62
C ASP A 469 -33.55 13.39 21.60
N VAL A 470 -32.31 13.12 21.98
CA VAL A 470 -31.57 13.98 22.90
C VAL A 470 -30.57 14.76 22.06
N ASN A 471 -30.71 16.09 22.05
CA ASN A 471 -29.80 16.94 21.29
C ASN A 471 -28.98 17.87 22.18
N GLY A 472 -29.06 17.70 23.50
CA GLY A 472 -28.35 18.54 24.43
C GLY A 472 -28.87 18.34 25.84
N PRO A 473 -28.31 19.10 26.80
CA PRO A 473 -28.80 18.99 28.19
C PRO A 473 -30.27 19.33 28.34
N GLU A 474 -30.82 20.17 27.47
CA GLU A 474 -32.22 20.54 27.56
C GLU A 474 -33.16 19.35 27.37
N ASP A 475 -32.69 18.25 26.80
CA ASP A 475 -33.51 17.05 26.60
C ASP A 475 -33.35 16.03 27.70
N LEU A 476 -32.57 16.34 28.73
CA LEU A 476 -32.36 15.47 29.88
C LEU A 476 -32.83 16.17 31.16
N GLU B 13 -6.57 11.31 18.57
CA GLU B 13 -6.13 12.16 17.49
C GLU B 13 -4.63 12.38 17.52
N LYS B 14 -3.90 11.58 16.75
CA LYS B 14 -2.45 11.75 16.67
C LYS B 14 -2.07 13.09 16.08
N LEU B 15 -2.95 13.69 15.28
CA LEU B 15 -2.65 14.98 14.67
C LEU B 15 -2.44 16.06 15.71
N ASP B 16 -3.31 16.12 16.72
CA ASP B 16 -3.13 17.08 17.80
C ASP B 16 -1.83 16.82 18.55
N LYS B 17 -1.58 15.56 18.89
CA LYS B 17 -0.37 15.20 19.61
C LYS B 17 0.89 15.50 18.80
N LEU B 18 0.80 15.33 17.48
CA LEU B 18 1.96 15.61 16.63
C LEU B 18 2.19 17.11 16.49
N ARG B 19 1.11 17.89 16.33
CA ARG B 19 1.26 19.34 16.21
C ARG B 19 1.87 19.94 17.48
N ALA B 20 1.53 19.39 18.64
CA ALA B 20 2.08 19.92 19.90
C ALA B 20 3.59 19.71 19.96
N GLU B 21 4.07 18.54 19.53
CA GLU B 21 5.50 18.29 19.52
C GLU B 21 6.21 19.16 18.48
N VAL B 22 5.56 19.38 17.34
CA VAL B 22 6.14 20.21 16.29
C VAL B 22 6.32 21.65 16.77
N ALA B 23 5.35 22.16 17.53
CA ALA B 23 5.40 23.56 17.95
C ALA B 23 6.57 23.83 18.88
N LYS B 24 7.02 22.83 19.63
CA LYS B 24 8.13 23.01 20.55
C LYS B 24 9.47 23.10 19.83
N LEU B 25 9.55 22.64 18.57
CA LEU B 25 10.81 22.70 17.84
C LEU B 25 11.21 24.14 17.55
N ASP B 26 12.49 24.46 17.79
CA ASP B 26 12.98 25.80 17.51
C ASP B 26 13.94 25.82 16.34
N GLN B 27 14.15 24.71 15.65
CA GLN B 27 15.07 24.69 14.52
C GLN B 27 14.44 25.19 13.23
N ILE B 28 13.11 25.21 13.13
CA ILE B 28 12.45 25.58 11.89
C ILE B 28 11.43 26.67 12.14
N SER B 29 11.08 27.38 11.06
CA SER B 29 10.22 28.54 11.14
C SER B 29 8.75 28.13 11.24
N GLU B 30 7.94 29.10 11.65
CA GLU B 30 6.51 28.84 11.76
C GLU B 30 5.90 28.44 10.42
N ASN B 31 6.35 29.09 9.33
CA ASN B 31 5.90 28.71 7.99
C ASN B 31 6.16 27.23 7.73
N GLU B 32 7.34 26.75 8.13
CA GLU B 32 7.69 25.35 7.86
C GLU B 32 6.85 24.40 8.71
N LYS B 33 6.63 24.76 9.99
CA LYS B 33 5.77 23.94 10.85
C LYS B 33 4.36 23.85 10.28
N ALA B 34 3.82 24.98 9.81
CA ALA B 34 2.47 24.98 9.28
C ALA B 34 2.37 24.09 8.04
N GLY B 35 3.37 24.16 7.16
CA GLY B 35 3.36 23.32 5.97
C GLY B 35 3.46 21.84 6.32
N PHE B 36 4.31 21.50 7.27
CA PHE B 36 4.46 20.11 7.67
C PHE B 36 3.17 19.58 8.27
N ILE B 37 2.54 20.35 9.18
CA ILE B 37 1.28 19.94 9.79
C ILE B 37 0.20 19.77 8.72
N SER B 38 0.20 20.63 7.71
CA SER B 38 -0.76 20.51 6.62
C SER B 38 -0.60 19.19 5.89
N LEU B 39 0.63 18.84 5.53
CA LEU B 39 0.88 17.56 4.87
C LEU B 39 0.42 16.41 5.74
N VAL B 40 0.77 16.44 7.03
CA VAL B 40 0.39 15.36 7.92
C VAL B 40 -1.13 15.26 8.02
N SER B 41 -1.80 16.41 8.12
CA SER B 41 -3.26 16.42 8.21
C SER B 41 -3.89 15.76 6.99
N ARG B 42 -3.44 16.17 5.80
CA ARG B 42 -3.95 15.56 4.57
C ARG B 42 -3.58 14.09 4.50
N TYR B 43 -2.36 13.74 4.90
CA TYR B 43 -1.94 12.35 4.85
C TYR B 43 -2.86 11.47 5.71
N LEU B 44 -3.31 12.00 6.84
CA LEU B 44 -4.15 11.24 7.78
C LEU B 44 -5.63 11.30 7.43
N SER B 45 -6.08 12.31 6.69
CA SER B 45 -7.50 12.47 6.42
C SER B 45 -8.04 11.49 5.38
N GLY B 46 -7.18 10.74 4.71
CA GLY B 46 -7.62 9.84 3.67
C GLY B 46 -7.51 10.45 2.28
N ILE B 51 -8.16 7.87 -8.28
CA ILE B 51 -8.61 8.34 -9.60
C ILE B 51 -9.71 7.42 -10.14
N GLU B 52 -10.62 7.99 -10.94
CA GLU B 52 -11.65 7.21 -11.59
C GLU B 52 -11.20 6.85 -13.01
N TRP B 53 -10.85 5.58 -13.20
CA TRP B 53 -10.15 5.15 -14.41
C TRP B 53 -10.93 5.49 -15.68
N SER B 54 -12.25 5.33 -15.63
CA SER B 54 -13.08 5.57 -16.81
C SER B 54 -13.08 7.03 -17.27
N LYS B 55 -12.69 7.99 -16.41
CA LYS B 55 -12.67 9.39 -16.78
C LYS B 55 -11.36 9.83 -17.45
N ILE B 56 -10.31 9.01 -17.36
CA ILE B 56 -9.02 9.36 -17.92
C ILE B 56 -9.12 9.45 -19.43
N GLN B 57 -8.57 10.54 -19.99
CA GLN B 57 -8.49 10.69 -21.44
C GLN B 57 -7.04 10.94 -21.84
N THR B 58 -6.64 10.36 -22.95
CA THR B 58 -5.37 10.71 -23.60
C THR B 58 -5.37 12.19 -23.97
N PRO B 59 -4.31 12.93 -23.64
CA PRO B 59 -4.26 14.34 -24.05
C PRO B 59 -4.21 14.46 -25.56
N THR B 60 -4.92 15.46 -26.09
CA THR B 60 -4.79 15.77 -27.50
C THR B 60 -3.48 16.52 -27.76
N ASP B 61 -3.18 16.73 -29.05
CA ASP B 61 -1.99 17.49 -29.40
C ASP B 61 -2.06 18.94 -28.95
N GLU B 62 -3.24 19.45 -28.58
CA GLU B 62 -3.31 20.79 -28.01
C GLU B 62 -2.95 20.83 -26.54
N VAL B 63 -3.08 19.69 -25.84
CA VAL B 63 -2.76 19.64 -24.42
C VAL B 63 -1.33 19.17 -24.20
N VAL B 64 -0.91 18.15 -24.92
CA VAL B 64 0.51 17.78 -24.96
C VAL B 64 0.99 18.10 -26.38
N VAL B 65 1.70 19.22 -26.50
CA VAL B 65 2.09 19.78 -27.78
C VAL B 65 3.37 19.08 -28.25
N PRO B 66 3.35 18.42 -29.41
CA PRO B 66 4.58 17.83 -29.95
C PRO B 66 5.61 18.91 -30.28
N TYR B 67 6.86 18.64 -29.89
CA TYR B 67 7.92 19.63 -30.06
C TYR B 67 8.08 20.02 -31.52
N ASP B 68 7.88 19.07 -32.46
CA ASP B 68 8.05 19.33 -33.88
C ASP B 68 7.08 20.38 -34.41
N THR B 69 5.98 20.63 -33.73
CA THR B 69 5.03 21.64 -34.17
C THR B 69 5.34 23.04 -33.65
N LEU B 70 6.39 23.20 -32.83
CA LEU B 70 6.62 24.51 -32.22
C LEU B 70 7.04 25.53 -33.27
N ALA B 71 6.52 26.75 -33.14
CA ALA B 71 6.87 27.85 -34.04
C ALA B 71 8.39 28.10 -34.08
N ASP B 76 17.13 35.95 -34.53
CA ASP B 76 17.10 37.36 -34.11
C ASP B 76 17.57 37.55 -32.67
N LEU B 77 18.78 38.10 -32.51
CA LEU B 77 19.40 38.16 -31.19
C LEU B 77 18.64 39.10 -30.26
N GLU B 78 18.28 40.29 -30.73
CA GLU B 78 17.68 41.28 -29.85
C GLU B 78 16.30 40.83 -29.36
N GLU B 79 15.48 40.27 -30.25
CA GLU B 79 14.18 39.80 -29.78
C GLU B 79 14.31 38.62 -28.83
N THR B 80 15.34 37.79 -29.02
CA THR B 80 15.54 36.65 -28.11
C THR B 80 15.99 37.12 -26.73
N LYS B 81 16.81 38.17 -26.67
CA LYS B 81 17.14 38.75 -25.37
C LYS B 81 15.88 39.13 -24.59
N LYS B 82 14.91 39.73 -25.27
CA LYS B 82 13.68 40.17 -24.60
C LYS B 82 12.91 38.99 -24.02
N LEU B 83 12.96 37.82 -24.68
CA LEU B 83 12.39 36.62 -24.09
C LEU B 83 13.19 36.18 -22.88
N LEU B 84 14.51 36.05 -23.04
CA LEU B 84 15.36 35.55 -21.96
C LEU B 84 15.35 36.49 -20.75
N ASP B 85 15.23 37.80 -20.99
CA ASP B 85 15.10 38.75 -19.88
C ASP B 85 13.92 38.45 -18.97
N LYS B 86 12.99 37.60 -19.40
CA LYS B 86 11.84 37.21 -18.59
C LYS B 86 12.05 35.91 -17.83
N LEU B 87 13.19 35.23 -18.01
CA LEU B 87 13.41 33.88 -17.50
C LEU B 87 14.33 33.87 -16.29
N VAL B 88 14.05 32.98 -15.33
CA VAL B 88 15.02 32.56 -14.33
C VAL B 88 15.20 31.05 -14.41
N VAL B 89 16.45 30.59 -14.34
CA VAL B 89 16.77 29.17 -14.35
C VAL B 89 16.96 28.69 -12.91
N LEU B 90 16.18 27.71 -12.49
CA LEU B 90 16.25 27.14 -11.15
C LEU B 90 16.70 25.70 -11.23
N LYS B 91 17.73 25.35 -10.48
CA LYS B 91 18.19 23.98 -10.41
C LYS B 91 17.88 23.40 -9.02
N LEU B 92 17.23 22.25 -9.03
CA LEU B 92 16.95 21.51 -7.81
C LEU B 92 18.25 20.92 -7.26
N ASN B 93 18.68 21.44 -6.12
CA ASN B 93 20.00 21.17 -5.58
C ASN B 93 19.91 20.69 -4.14
N GLY B 94 18.80 20.04 -3.78
CA GLY B 94 18.62 19.63 -2.41
C GLY B 94 19.14 18.26 -2.05
N GLY B 95 19.58 17.50 -3.05
CA GLY B 95 19.97 16.12 -2.87
C GLY B 95 21.47 15.91 -2.80
N LEU B 96 21.86 14.92 -2.03
CA LEU B 96 23.24 14.52 -1.84
C LEU B 96 23.65 13.50 -2.89
N GLY B 97 24.96 13.25 -2.99
CA GLY B 97 25.45 12.26 -3.94
C GLY B 97 25.56 10.85 -3.39
N THR B 98 24.77 10.57 -2.34
CA THR B 98 24.86 9.31 -1.62
C THR B 98 24.69 8.11 -2.55
N THR B 99 23.68 8.15 -3.43
CA THR B 99 23.39 6.99 -4.27
C THR B 99 24.62 6.54 -5.05
N MET B 100 25.43 7.48 -5.49
CA MET B 100 26.60 7.19 -6.29
C MET B 100 27.89 7.23 -5.47
N GLY B 101 27.79 7.07 -4.15
CA GLY B 101 28.96 6.96 -3.32
C GLY B 101 29.73 8.24 -3.12
N CYS B 102 29.06 9.38 -3.10
CA CYS B 102 29.74 10.66 -2.94
C CYS B 102 29.09 11.47 -1.83
N THR B 103 29.92 12.11 -1.01
CA THR B 103 29.39 13.08 -0.09
C THR B 103 29.26 14.43 -0.79
N GLY B 104 28.57 15.35 -0.13
CA GLY B 104 28.30 16.64 -0.71
C GLY B 104 27.14 16.61 -1.70
N PRO B 105 26.79 17.79 -2.20
CA PRO B 105 25.66 17.90 -3.13
C PRO B 105 25.87 17.01 -4.37
N LYS B 106 24.77 16.43 -4.86
CA LYS B 106 24.86 15.64 -6.10
C LYS B 106 25.41 16.47 -7.24
N SER B 107 25.11 17.77 -7.26
CA SER B 107 25.50 18.65 -8.36
C SER B 107 27.00 18.90 -8.44
N VAL B 108 27.78 18.54 -7.43
CA VAL B 108 29.22 18.77 -7.45
C VAL B 108 30.00 17.48 -7.71
N ILE B 109 29.31 16.40 -8.10
CA ILE B 109 30.00 15.27 -8.70
C ILE B 109 30.58 15.68 -10.03
N GLU B 110 31.79 15.24 -10.32
CA GLU B 110 32.42 15.56 -11.61
C GLU B 110 31.79 14.70 -12.69
N VAL B 111 31.35 15.35 -13.78
CA VAL B 111 30.69 14.67 -14.88
C VAL B 111 31.67 14.29 -15.98
N ARG B 112 32.47 15.25 -16.44
CA ARG B 112 33.37 14.98 -17.55
C ARG B 112 34.46 16.03 -17.55
N ASN B 113 35.71 15.59 -17.75
CA ASN B 113 36.88 16.46 -17.93
C ASN B 113 37.06 17.38 -16.73
N GLY B 114 36.76 16.88 -15.53
CA GLY B 114 36.90 17.64 -14.32
C GLY B 114 35.78 18.63 -14.04
N PHE B 115 34.76 18.69 -14.89
CA PHE B 115 33.67 19.63 -14.72
C PHE B 115 32.50 18.97 -14.00
N THR B 116 32.03 19.61 -12.93
CA THR B 116 30.86 19.15 -12.18
C THR B 116 29.58 19.50 -12.92
N PHE B 117 28.48 18.87 -12.52
CA PHE B 117 27.17 19.26 -13.03
C PHE B 117 26.97 20.77 -12.92
N LEU B 118 27.31 21.33 -11.76
CA LEU B 118 27.06 22.77 -11.56
C LEU B 118 28.01 23.60 -12.41
N ASP B 119 29.27 23.16 -12.55
CA ASP B 119 30.22 23.81 -13.46
C ASP B 119 29.61 23.95 -14.84
N LEU B 120 29.06 22.86 -15.38
CA LEU B 120 28.54 22.89 -16.74
C LEU B 120 27.32 23.81 -16.84
N ILE B 121 26.41 23.74 -15.87
CA ILE B 121 25.28 24.67 -15.85
C ILE B 121 25.77 26.11 -15.90
N VAL B 122 26.79 26.45 -15.11
CA VAL B 122 27.26 27.83 -15.09
C VAL B 122 27.83 28.23 -16.44
N ILE B 123 28.62 27.35 -17.06
CA ILE B 123 29.23 27.68 -18.34
C ILE B 123 28.17 27.84 -19.40
N GLN B 124 27.11 27.02 -19.34
CA GLN B 124 26.04 27.12 -20.32
C GLN B 124 25.31 28.44 -20.21
N ILE B 125 25.04 28.88 -18.97
CA ILE B 125 24.39 30.17 -18.81
C ILE B 125 25.34 31.28 -19.24
N GLU B 126 26.64 31.15 -18.92
CA GLU B 126 27.61 32.12 -19.43
C GLU B 126 27.56 32.22 -20.94
N SER B 127 27.43 31.06 -21.62
CA SER B 127 27.33 31.05 -23.07
C SER B 127 26.05 31.74 -23.52
N LEU B 128 24.94 31.42 -22.88
CA LEU B 128 23.69 32.09 -23.18
C LEU B 128 23.82 33.61 -23.02
N ASN B 129 24.39 34.05 -21.87
CA ASN B 129 24.51 35.49 -21.59
C ASN B 129 25.38 36.17 -22.63
N LYS B 130 26.48 35.55 -23.03
CA LYS B 130 27.37 36.17 -23.99
C LYS B 130 26.69 36.31 -25.35
N LYS B 131 25.95 35.29 -25.77
CA LYS B 131 25.41 35.29 -27.12
C LYS B 131 24.33 36.35 -27.31
N TYR B 132 23.49 36.54 -26.29
CA TYR B 132 22.33 37.42 -26.41
C TYR B 132 22.49 38.71 -25.63
N GLY B 133 23.60 38.90 -24.92
CA GLY B 133 23.75 40.10 -24.14
C GLY B 133 22.78 40.19 -22.98
N CYS B 134 22.38 39.07 -22.41
CA CYS B 134 21.47 39.06 -21.29
C CYS B 134 22.23 38.64 -20.03
N SER B 135 21.49 38.51 -18.94
CA SER B 135 21.99 37.95 -17.68
C SER B 135 20.83 37.15 -17.08
N VAL B 136 20.72 35.90 -17.54
CA VAL B 136 19.71 34.98 -17.05
C VAL B 136 20.17 34.52 -15.67
N PRO B 137 19.43 34.82 -14.61
CA PRO B 137 19.88 34.41 -13.28
C PRO B 137 19.74 32.92 -13.08
N LEU B 138 20.71 32.37 -12.35
CA LEU B 138 20.74 31.00 -11.89
C LEU B 138 20.36 30.98 -10.42
N LEU B 139 19.36 30.17 -10.08
CA LEU B 139 18.86 30.09 -8.72
C LEU B 139 18.95 28.63 -8.28
N LEU B 140 19.75 28.36 -7.24
CA LEU B 140 19.92 27.00 -6.74
C LEU B 140 19.01 26.79 -5.55
N MET B 141 18.15 25.79 -5.62
CA MET B 141 17.30 25.42 -4.48
C MET B 141 18.07 24.39 -3.66
N ASN B 142 18.60 24.81 -2.52
CA ASN B 142 19.33 23.92 -1.64
C ASN B 142 18.39 23.31 -0.63
N SER B 143 18.92 22.38 0.16
CA SER B 143 18.27 21.87 1.36
C SER B 143 19.24 22.04 2.50
N PHE B 144 18.80 21.78 3.74
CA PHE B 144 19.74 21.85 4.86
C PHE B 144 20.91 20.88 4.68
N ASN B 145 20.76 19.85 3.86
CA ASN B 145 21.88 18.95 3.62
C ASN B 145 22.90 19.50 2.64
N THR B 146 22.53 20.48 1.81
CA THR B 146 23.46 20.96 0.80
C THR B 146 23.78 22.44 0.91
N HIS B 147 23.09 23.20 1.76
CA HIS B 147 23.11 24.65 1.61
C HIS B 147 24.48 25.23 1.93
N ASP B 148 25.13 24.75 3.01
CA ASP B 148 26.41 25.32 3.41
C ASP B 148 27.51 24.94 2.41
N ASP B 149 27.56 23.69 1.99
CA ASP B 149 28.57 23.30 1.00
C ASP B 149 28.35 24.05 -0.31
N THR B 150 27.09 24.26 -0.69
CA THR B 150 26.82 24.93 -1.96
C THR B 150 27.26 26.39 -1.90
N GLN B 151 26.93 27.10 -0.81
CA GLN B 151 27.42 28.46 -0.59
C GLN B 151 28.93 28.54 -0.75
N LYS B 152 29.65 27.60 -0.12
CA LYS B 152 31.10 27.63 -0.21
C LYS B 152 31.56 27.42 -1.64
N ILE B 153 30.94 26.45 -2.33
CA ILE B 153 31.37 26.07 -3.67
C ILE B 153 31.11 27.18 -4.68
N VAL B 154 29.98 27.88 -4.58
CA VAL B 154 29.65 28.85 -5.61
C VAL B 154 30.57 30.08 -5.54
N GLU B 155 31.46 30.14 -4.53
CA GLU B 155 32.48 31.20 -4.54
C GLU B 155 33.37 31.11 -5.78
N LYS B 156 33.56 29.91 -6.37
CA LYS B 156 34.48 29.83 -7.52
C LYS B 156 33.88 30.41 -8.80
N TYR B 157 32.58 30.74 -8.81
CA TYR B 157 31.97 31.39 -9.96
C TYR B 157 31.91 32.91 -9.80
N SER B 158 32.66 33.46 -8.85
CA SER B 158 32.64 34.90 -8.61
C SER B 158 33.10 35.66 -9.86
N ASN B 159 34.05 35.12 -10.60
CA ASN B 159 34.54 35.74 -11.84
C ASN B 159 33.79 35.27 -13.07
N SER B 160 32.74 34.47 -12.92
CA SER B 160 32.01 33.99 -14.07
C SER B 160 31.00 35.04 -14.53
N ASN B 161 30.70 35.03 -15.82
CA ASN B 161 29.73 35.98 -16.40
C ASN B 161 28.30 35.51 -16.10
N ILE B 162 27.92 35.59 -14.82
CA ILE B 162 26.64 35.05 -14.39
C ILE B 162 26.24 35.69 -13.06
N GLU B 163 24.95 35.74 -12.82
CA GLU B 163 24.36 36.09 -11.54
C GLU B 163 23.79 34.81 -10.93
N ILE B 164 24.37 34.36 -9.82
CA ILE B 164 23.94 33.14 -9.12
C ILE B 164 23.37 33.53 -7.77
N HIS B 165 22.20 32.98 -7.44
CA HIS B 165 21.61 33.10 -6.11
C HIS B 165 21.18 31.73 -5.62
N THR B 166 21.03 31.60 -4.30
CA THR B 166 20.60 30.36 -3.69
C THR B 166 19.50 30.60 -2.67
N PHE B 167 18.71 29.56 -2.41
CA PHE B 167 17.80 29.60 -1.29
C PHE B 167 17.66 28.21 -0.70
N ASN B 168 17.22 28.15 0.55
CA ASN B 168 17.10 26.91 1.30
C ASN B 168 15.63 26.48 1.34
N GLN B 169 15.34 25.28 0.85
CA GLN B 169 13.95 24.83 0.89
C GLN B 169 13.55 24.47 2.33
N SER B 170 12.33 23.96 2.48
CA SER B 170 11.79 23.65 3.80
C SER B 170 12.60 22.53 4.47
N GLN B 171 12.50 22.48 5.79
CA GLN B 171 13.15 21.45 6.61
C GLN B 171 12.07 20.85 7.50
N TYR B 172 11.66 19.57 7.20
CA TYR B 172 10.60 18.98 8.00
C TYR B 172 11.14 17.90 8.92
N PRO B 173 10.50 17.64 10.06
CA PRO B 173 10.97 16.57 10.94
C PRO B 173 10.53 15.21 10.43
N ARG B 174 11.45 14.25 10.48
CA ARG B 174 11.07 12.88 10.19
C ARG B 174 10.09 12.40 11.27
N ILE B 175 9.16 11.53 10.88
CA ILE B 175 8.10 11.04 11.76
C ILE B 175 8.43 9.61 12.14
N VAL B 176 8.57 9.35 13.45
CA VAL B 176 8.82 7.98 13.94
C VAL B 176 7.54 7.17 13.79
N THR B 177 7.55 6.17 12.91
CA THR B 177 6.33 5.41 12.62
C THR B 177 5.77 4.72 13.85
N GLU B 178 6.63 4.34 14.79
CA GLU B 178 6.18 3.56 15.94
C GLU B 178 5.23 4.36 16.83
N ASP B 179 5.53 5.64 17.08
CA ASP B 179 4.68 6.47 17.91
C ASP B 179 4.12 7.68 17.17
N PHE B 180 4.40 7.82 15.88
CA PHE B 180 3.96 8.94 15.06
C PHE B 180 4.33 10.28 15.70
N LEU B 181 5.58 10.38 16.15
CA LEU B 181 6.11 11.60 16.75
C LEU B 181 7.37 12.06 16.02
N PRO B 182 7.69 13.35 16.06
CA PRO B 182 8.89 13.84 15.38
C PRO B 182 10.13 13.17 15.93
N LEU B 183 11.05 12.80 15.03
CA LEU B 183 12.33 12.27 15.46
C LEU B 183 13.14 13.30 16.26
N PRO B 184 13.21 14.58 15.87
CA PRO B 184 13.97 15.55 16.70
C PRO B 184 13.24 15.89 17.99
N SER B 185 12.51 14.93 18.56
CA SER B 185 11.76 15.16 19.79
C SER B 185 12.05 14.06 20.80
N GLY B 190 20.61 16.06 15.37
CA GLY B 190 21.35 16.46 14.19
C GLY B 190 20.55 16.38 12.90
N LYS B 191 21.26 16.40 11.77
CA LYS B 191 20.61 16.36 10.46
C LYS B 191 19.80 15.09 10.27
N ASP B 192 20.20 14.01 10.93
CA ASP B 192 19.51 12.73 10.76
C ASP B 192 18.02 12.80 11.15
N GLY B 193 17.63 13.78 11.96
CA GLY B 193 16.25 13.93 12.41
C GLY B 193 15.28 14.58 11.43
N TRP B 194 15.76 15.05 10.27
CA TRP B 194 15.01 15.94 9.39
C TRP B 194 15.08 15.43 7.96
N TYR B 195 14.30 16.06 7.08
CA TYR B 195 14.33 15.71 5.66
C TYR B 195 13.78 16.87 4.86
N PRO B 196 14.26 17.07 3.63
CA PRO B 196 13.63 18.05 2.75
C PRO B 196 12.44 17.43 2.03
N PRO B 197 11.25 18.08 2.09
CA PRO B 197 10.00 17.39 1.68
C PRO B 197 9.74 17.35 0.17
N GLY B 198 10.75 16.93 -0.59
CA GLY B 198 10.59 16.71 -2.01
C GLY B 198 10.65 17.99 -2.84
N HIS B 199 10.63 17.80 -4.15
CA HIS B 199 10.73 18.91 -5.08
C HIS B 199 9.44 19.72 -5.16
N GLY B 200 8.27 19.15 -4.84
CA GLY B 200 7.06 19.94 -4.81
C GLY B 200 7.17 21.10 -3.85
N ASP B 201 8.10 21.02 -2.90
CA ASP B 201 8.35 22.08 -1.95
C ASP B 201 8.98 23.31 -2.60
N VAL B 202 9.44 23.21 -3.85
CA VAL B 202 10.02 24.40 -4.49
C VAL B 202 9.05 25.58 -4.44
N PHE B 203 7.74 25.31 -4.55
CA PHE B 203 6.79 26.42 -4.69
C PHE B 203 6.58 27.16 -3.38
N PRO B 204 6.24 26.52 -2.26
CA PRO B 204 6.17 27.28 -1.02
C PRO B 204 7.54 27.83 -0.61
N SER B 205 8.62 27.11 -0.93
CA SER B 205 9.95 27.57 -0.53
C SER B 205 10.39 28.81 -1.29
N LEU B 206 10.11 28.85 -2.60
CA LEU B 206 10.37 30.08 -3.36
C LEU B 206 9.66 31.27 -2.72
N ASN B 207 8.42 31.07 -2.27
CA ASN B 207 7.69 32.15 -1.62
C ASN B 207 8.26 32.46 -0.23
N ASN B 208 8.42 31.42 0.60
CA ASN B 208 8.83 31.63 1.99
C ASN B 208 10.20 32.27 2.08
N SER B 209 11.10 31.89 1.18
CA SER B 209 12.48 32.36 1.19
C SER B 209 12.61 33.82 0.79
N GLY B 210 11.56 34.39 0.16
CA GLY B 210 11.59 35.74 -0.33
C GLY B 210 12.03 35.89 -1.78
N LYS B 211 12.52 34.82 -2.41
CA LYS B 211 13.03 34.92 -3.77
C LYS B 211 11.90 35.24 -4.75
N LEU B 212 10.70 34.70 -4.52
CA LEU B 212 9.58 34.89 -5.45
C LEU B 212 9.21 36.37 -5.60
N ASP B 213 9.10 37.09 -4.47
CA ASP B 213 8.77 38.51 -4.55
C ASP B 213 9.86 39.28 -5.29
N ILE B 214 11.12 38.91 -5.07
CA ILE B 214 12.22 39.62 -5.71
C ILE B 214 12.19 39.39 -7.22
N LEU B 215 12.15 38.12 -7.62
CA LEU B 215 12.02 37.76 -9.04
C LEU B 215 10.87 38.51 -9.70
N LEU B 216 9.70 38.55 -9.05
CA LEU B 216 8.54 39.22 -9.64
C LEU B 216 8.79 40.72 -9.81
N ALA B 217 9.34 41.36 -8.77
CA ALA B 217 9.61 42.79 -8.87
C ALA B 217 10.69 43.08 -9.91
N GLN B 218 11.57 42.14 -10.20
CA GLN B 218 12.58 42.33 -11.23
C GLN B 218 12.04 42.16 -12.64
N GLY B 219 10.76 41.84 -12.81
CA GLY B 219 10.21 41.60 -14.13
C GLY B 219 10.36 40.18 -14.63
N LYS B 220 10.79 39.25 -13.80
CA LYS B 220 10.89 37.87 -14.27
C LYS B 220 9.49 37.27 -14.31
N GLU B 221 9.24 36.40 -15.30
CA GLU B 221 7.88 35.91 -15.52
C GLU B 221 7.77 34.40 -15.50
N TYR B 222 8.82 33.67 -15.87
CA TYR B 222 8.82 32.21 -15.92
C TYR B 222 10.05 31.70 -15.23
N VAL B 223 9.92 30.56 -14.55
CA VAL B 223 11.07 29.84 -14.02
C VAL B 223 11.19 28.51 -14.79
N PHE B 224 12.42 28.18 -15.19
CA PHE B 224 12.73 26.88 -15.78
C PHE B 224 13.32 26.03 -14.66
N ILE B 225 12.57 25.01 -14.23
CA ILE B 225 12.96 24.12 -13.15
C ILE B 225 13.46 22.79 -13.71
N ALA B 226 14.60 22.33 -13.21
CA ALA B 226 15.05 20.99 -13.58
C ALA B 226 16.00 20.47 -12.51
N ASN B 227 16.17 19.16 -12.51
CA ASN B 227 17.17 18.51 -11.69
C ASN B 227 18.57 18.89 -12.16
N SER B 228 19.45 19.15 -11.20
CA SER B 228 20.83 19.49 -11.55
C SER B 228 21.56 18.35 -12.25
N ASP B 229 21.04 17.12 -12.21
CA ASP B 229 21.75 16.00 -12.81
C ASP B 229 21.16 15.55 -14.16
N ASN B 230 20.30 16.35 -14.76
CA ASN B 230 19.84 16.12 -16.13
C ASN B 230 20.69 16.95 -17.07
N LEU B 231 21.63 16.31 -17.77
CA LEU B 231 22.52 17.03 -18.68
C LEU B 231 21.80 17.59 -19.90
N GLY B 232 20.58 17.13 -20.18
CA GLY B 232 19.85 17.63 -21.32
C GLY B 232 18.97 18.82 -21.03
N ALA B 233 18.87 19.25 -19.77
CA ALA B 233 17.91 20.29 -19.38
C ALA B 233 18.52 21.67 -19.62
N ILE B 234 18.63 22.04 -20.90
CA ILE B 234 19.20 23.32 -21.30
C ILE B 234 18.05 24.27 -21.62
N VAL B 235 18.32 25.58 -21.53
CA VAL B 235 17.28 26.55 -21.90
C VAL B 235 16.92 26.32 -23.35
N ASP B 236 15.61 26.21 -23.62
CA ASP B 236 15.13 25.99 -24.98
C ASP B 236 14.29 27.21 -25.38
N ILE B 237 14.79 27.95 -26.35
CA ILE B 237 14.15 29.20 -26.78
C ILE B 237 12.79 28.93 -27.42
N LYS B 238 12.70 27.83 -28.19
CA LYS B 238 11.43 27.47 -28.81
C LYS B 238 10.35 27.23 -27.77
N ILE B 239 10.72 26.60 -26.66
CA ILE B 239 9.74 26.36 -25.61
C ILE B 239 9.35 27.68 -24.94
N LEU B 240 10.35 28.46 -24.51
CA LEU B 240 10.07 29.75 -23.88
C LEU B 240 9.20 30.63 -24.77
N ASN B 241 9.50 30.70 -26.07
CA ASN B 241 8.71 31.50 -26.99
C ASN B 241 7.24 31.05 -27.01
N HIS B 242 7.00 29.75 -26.97
CA HIS B 242 5.64 29.23 -26.96
C HIS B 242 4.89 29.70 -25.73
N LEU B 243 5.54 29.63 -24.56
CA LEU B 243 4.88 30.00 -23.31
C LEU B 243 4.55 31.48 -23.27
N ILE B 244 5.51 32.34 -23.65
CA ILE B 244 5.23 33.77 -23.72
C ILE B 244 4.07 34.03 -24.68
N ASN B 245 4.07 33.35 -25.83
CA ASN B 245 3.04 33.61 -26.84
C ASN B 245 1.65 33.13 -26.41
N ASN B 246 1.58 32.06 -25.63
CA ASN B 246 0.30 31.47 -25.31
C ASN B 246 -0.11 31.64 -23.85
N GLN B 247 0.80 32.14 -23.01
CA GLN B 247 0.52 32.46 -21.61
C GLN B 247 0.13 31.22 -20.80
N ASN B 248 0.73 30.09 -21.13
CA ASN B 248 0.57 28.91 -20.30
C ASN B 248 1.17 29.18 -18.93
N GLU B 249 0.41 28.84 -17.88
CA GLU B 249 0.95 29.05 -16.55
C GLU B 249 1.93 27.96 -16.13
N TYR B 250 1.95 26.83 -16.85
CA TYR B 250 2.77 25.69 -16.45
C TYR B 250 2.92 24.79 -17.67
N CYS B 251 4.16 24.41 -17.99
CA CYS B 251 4.43 23.48 -19.06
C CYS B 251 5.36 22.40 -18.53
N MET B 252 4.92 21.16 -18.62
CA MET B 252 5.76 20.02 -18.25
C MET B 252 6.35 19.43 -19.51
N GLU B 253 7.67 19.34 -19.58
CA GLU B 253 8.25 18.58 -20.68
C GLU B 253 8.06 17.09 -20.44
N VAL B 254 7.47 16.41 -21.41
CA VAL B 254 7.38 14.97 -21.41
C VAL B 254 8.20 14.44 -22.59
N THR B 255 8.40 13.13 -22.60
CA THR B 255 9.17 12.53 -23.69
C THR B 255 8.60 11.14 -23.93
N PRO B 256 8.77 10.59 -25.14
CA PRO B 256 8.10 9.31 -25.42
C PRO B 256 8.56 8.22 -24.45
N LYS B 257 7.61 7.40 -24.02
CA LYS B 257 7.92 6.34 -23.08
C LYS B 257 8.58 5.18 -23.80
N THR B 258 9.66 4.67 -23.23
CA THR B 258 10.29 3.43 -23.69
C THR B 258 10.10 2.36 -22.63
N LEU B 259 10.65 1.17 -22.89
CA LEU B 259 10.46 0.05 -21.98
C LEU B 259 11.10 0.32 -20.62
N ALA B 260 12.28 0.91 -20.61
CA ALA B 260 13.00 1.18 -19.38
C ALA B 260 12.38 2.31 -18.55
N ASP B 261 11.34 2.98 -19.04
CA ASP B 261 10.78 4.13 -18.33
C ASP B 261 9.62 3.66 -17.44
N VAL B 262 10.01 2.95 -16.39
CA VAL B 262 9.05 2.46 -15.40
C VAL B 262 8.76 3.46 -14.29
N LYS B 263 9.54 4.54 -14.18
CA LYS B 263 9.42 5.43 -13.03
C LYS B 263 8.41 6.55 -13.26
N GLY B 264 8.65 7.41 -14.24
CA GLY B 264 7.96 8.69 -14.29
C GLY B 264 6.46 8.58 -14.51
N GLY B 265 5.76 9.60 -14.02
CA GLY B 265 4.32 9.69 -14.20
C GLY B 265 4.00 10.22 -15.58
N THR B 266 2.73 10.12 -15.94
CA THR B 266 2.30 10.49 -17.28
C THR B 266 1.27 11.62 -17.18
N LEU B 267 1.16 12.41 -18.25
CA LEU B 267 0.14 13.46 -18.30
C LEU B 267 -1.13 12.91 -18.90
N ILE B 268 -2.26 13.23 -18.26
CA ILE B 268 -3.56 12.81 -18.74
C ILE B 268 -4.48 14.03 -18.74
N SER B 269 -5.54 13.94 -19.51
CA SER B 269 -6.62 14.88 -19.34
C SER B 269 -7.64 14.25 -18.40
N TYR B 270 -8.01 15.01 -17.37
CA TYR B 270 -8.89 14.47 -16.35
C TYR B 270 -9.74 15.61 -15.82
N GLU B 271 -11.07 15.45 -15.93
CA GLU B 271 -12.04 16.45 -15.52
C GLU B 271 -11.76 17.80 -16.17
N GLY B 272 -11.42 17.76 -17.46
CA GLY B 272 -11.32 18.93 -18.28
C GLY B 272 -10.02 19.69 -18.25
N ARG B 273 -8.97 19.14 -17.58
CA ARG B 273 -7.66 19.80 -17.55
C ARG B 273 -6.57 18.75 -17.37
N VAL B 274 -5.35 19.15 -17.68
CA VAL B 274 -4.23 18.21 -17.69
C VAL B 274 -3.77 17.95 -16.26
N GLN B 275 -3.37 16.72 -15.97
CA GLN B 275 -2.84 16.43 -14.65
C GLN B 275 -1.81 15.33 -14.76
N LEU B 276 -0.93 15.29 -13.77
CA LEU B 276 0.03 14.19 -13.64
C LEU B 276 -0.67 12.96 -13.05
N LEU B 277 -0.39 11.80 -13.60
CA LEU B 277 -0.85 10.55 -13.00
C LEU B 277 0.37 9.69 -12.69
N GLU B 278 0.50 9.32 -11.41
CA GLU B 278 1.54 8.44 -10.92
C GLU B 278 0.92 7.12 -10.50
N ILE B 279 1.72 6.05 -10.54
CA ILE B 279 1.18 4.72 -10.30
C ILE B 279 0.59 4.59 -8.90
N ALA B 280 1.05 5.41 -7.95
CA ALA B 280 0.47 5.39 -6.60
C ALA B 280 -1.01 5.70 -6.60
N GLN B 281 -1.50 6.50 -7.55
CA GLN B 281 -2.91 6.85 -7.61
C GLN B 281 -3.71 5.97 -8.57
N VAL B 282 -3.10 4.91 -9.10
CA VAL B 282 -3.74 4.00 -10.04
C VAL B 282 -4.41 2.87 -9.28
N PRO B 283 -5.70 2.58 -9.50
CA PRO B 283 -6.32 1.42 -8.84
C PRO B 283 -5.55 0.14 -9.17
N ASP B 284 -5.54 -0.79 -8.21
CA ASP B 284 -4.73 -2.01 -8.35
C ASP B 284 -5.06 -2.76 -9.63
N GLU B 285 -6.33 -2.82 -9.98
CA GLU B 285 -6.75 -3.58 -11.16
C GLU B 285 -6.33 -2.93 -12.47
N HIS B 286 -5.77 -1.72 -12.43
CA HIS B 286 -5.33 -1.07 -13.66
C HIS B 286 -3.83 -0.80 -13.67
N VAL B 287 -3.10 -1.27 -12.66
CA VAL B 287 -1.67 -0.96 -12.60
C VAL B 287 -0.94 -1.53 -13.80
N ASN B 288 -1.34 -2.72 -14.28
CA ASN B 288 -0.65 -3.32 -15.41
C ASN B 288 -0.88 -2.53 -16.68
N GLU B 289 -2.09 -2.04 -16.90
CA GLU B 289 -2.36 -1.19 -18.06
C GLU B 289 -1.54 0.10 -18.01
N PHE B 290 -1.42 0.70 -16.82
CA PHE B 290 -0.61 1.90 -16.66
C PHE B 290 0.87 1.62 -16.98
N LYS B 291 1.41 0.53 -16.43
CA LYS B 291 2.82 0.21 -16.64
C LYS B 291 3.11 -0.20 -18.08
N SER B 292 2.12 -0.64 -18.84
CA SER B 292 2.36 -1.00 -20.22
C SER B 292 2.74 0.24 -21.04
N ILE B 293 3.14 -0.02 -22.28
CA ILE B 293 3.41 1.02 -23.25
C ILE B 293 2.23 1.30 -24.15
N GLU B 294 1.12 0.57 -23.99
CA GLU B 294 0.09 0.62 -25.01
C GLU B 294 -0.88 1.78 -24.80
N LYS B 295 -1.15 2.16 -23.54
CA LYS B 295 -2.14 3.20 -23.30
C LYS B 295 -1.51 4.56 -23.08
N PHE B 296 -0.47 4.64 -22.26
CA PHE B 296 0.20 5.90 -21.96
C PHE B 296 1.54 5.92 -22.69
N LYS B 297 1.77 6.98 -23.45
CA LYS B 297 2.87 7.03 -24.39
C LYS B 297 3.97 8.01 -24.00
N ILE B 298 3.77 8.78 -22.94
CA ILE B 298 4.68 9.84 -22.54
C ILE B 298 4.96 9.71 -21.05
N PHE B 299 6.08 10.29 -20.61
CA PHE B 299 6.30 10.41 -19.18
C PHE B 299 7.03 11.71 -18.87
N ASN B 300 6.94 12.10 -17.60
CA ASN B 300 7.44 13.39 -17.15
C ASN B 300 8.96 13.39 -17.08
N THR B 301 9.62 14.35 -17.74
CA THR B 301 11.07 14.44 -17.69
C THR B 301 11.59 15.17 -16.46
N ASN B 302 10.74 15.85 -15.71
CA ASN B 302 11.08 16.75 -14.61
C ASN B 302 11.71 18.06 -15.10
N ASN B 303 11.65 18.35 -16.40
CA ASN B 303 11.93 19.69 -16.89
C ASN B 303 10.61 20.46 -16.89
N LEU B 304 10.52 21.50 -16.07
CA LEU B 304 9.26 22.21 -15.82
C LEU B 304 9.42 23.71 -16.05
N TRP B 305 8.43 24.31 -16.71
CA TRP B 305 8.41 25.75 -16.96
C TRP B 305 7.16 26.31 -16.29
N VAL B 306 7.33 27.29 -15.39
CA VAL B 306 6.20 27.72 -14.57
C VAL B 306 6.14 29.24 -14.50
N ASN B 307 4.93 29.77 -14.59
CA ASN B 307 4.70 31.20 -14.52
C ASN B 307 4.81 31.66 -13.06
N LEU B 308 5.62 32.69 -12.83
CA LEU B 308 5.89 33.11 -11.44
C LEU B 308 4.68 33.80 -10.79
N LYS B 309 3.98 34.66 -11.52
CA LYS B 309 2.78 35.25 -10.94
C LYS B 309 1.80 34.15 -10.53
N ALA B 310 1.65 33.11 -11.36
CA ALA B 310 0.73 32.03 -11.03
C ALA B 310 1.18 31.31 -9.76
N ILE B 311 2.49 31.06 -9.63
CA ILE B 311 2.98 30.44 -8.41
C ILE B 311 2.58 31.28 -7.21
N LYS B 312 2.80 32.59 -7.30
CA LYS B 312 2.47 33.46 -6.17
C LYS B 312 0.99 33.38 -5.86
N ARG B 313 0.14 33.43 -6.90
CA ARG B 313 -1.30 33.33 -6.68
C ARG B 313 -1.66 32.04 -5.96
N LEU B 314 -1.15 30.90 -6.47
CA LEU B 314 -1.59 29.60 -5.97
C LEU B 314 -1.02 29.28 -4.60
N VAL B 315 0.21 29.71 -4.34
CA VAL B 315 0.75 29.60 -2.99
C VAL B 315 -0.11 30.39 -2.01
N GLU B 316 -0.46 31.64 -2.39
CA GLU B 316 -1.21 32.48 -1.45
C GLU B 316 -2.63 31.96 -1.24
N ALA B 317 -3.21 31.29 -2.23
CA ALA B 317 -4.54 30.73 -2.04
C ALA B 317 -4.51 29.38 -1.33
N GLU B 318 -3.32 28.89 -0.97
CA GLU B 318 -3.15 27.56 -0.38
C GLU B 318 -3.76 26.48 -1.28
N ALA B 319 -3.58 26.64 -2.59
CA ALA B 319 -4.18 25.73 -3.56
C ALA B 319 -3.30 24.54 -3.91
N LEU B 320 -1.99 24.59 -3.62
CA LEU B 320 -1.09 23.55 -4.11
C LEU B 320 -1.10 22.36 -3.14
N LYS B 321 -2.10 21.51 -3.32
CA LYS B 321 -2.30 20.34 -2.48
C LYS B 321 -1.96 19.08 -3.29
N MET B 322 -0.67 18.92 -3.60
CA MET B 322 -0.20 17.78 -4.37
C MET B 322 -0.38 16.47 -3.58
N GLU B 323 -0.48 15.37 -4.30
CA GLU B 323 -0.55 14.05 -3.67
C GLU B 323 0.63 13.85 -2.74
N ILE B 324 0.36 13.31 -1.56
CA ILE B 324 1.39 13.02 -0.57
C ILE B 324 2.12 11.74 -0.96
N ILE B 325 3.45 11.79 -0.94
CA ILE B 325 4.36 10.67 -1.19
C ILE B 325 5.02 10.30 0.14
N PRO B 326 4.80 9.09 0.66
CA PRO B 326 5.26 8.78 2.03
C PRO B 326 6.77 8.67 2.21
N ASN B 327 7.47 8.06 1.27
CA ASN B 327 8.91 7.79 1.29
C ASN B 327 9.44 7.35 2.65
N PRO B 328 9.10 6.14 3.11
CA PRO B 328 9.64 5.66 4.38
C PRO B 328 11.10 5.24 4.28
N LYS B 329 11.81 5.36 5.41
CA LYS B 329 13.23 5.07 5.48
C LYS B 329 13.55 4.52 6.86
N GLU B 330 14.79 4.10 7.04
CA GLU B 330 15.30 3.66 8.34
C GLU B 330 16.52 4.49 8.70
N VAL B 331 16.48 5.11 9.87
CA VAL B 331 17.57 5.94 10.38
C VAL B 331 18.08 5.24 11.63
N ASP B 332 19.23 4.58 11.51
CA ASP B 332 19.80 3.78 12.59
C ASP B 332 18.77 2.78 13.11
N GLY B 333 18.12 2.09 12.19
CA GLY B 333 17.17 1.06 12.55
C GLY B 333 15.80 1.54 12.99
N VAL B 334 15.56 2.85 12.97
CA VAL B 334 14.28 3.43 13.38
C VAL B 334 13.50 3.80 12.14
N LYS B 335 12.32 3.20 11.97
CA LYS B 335 11.52 3.45 10.78
C LYS B 335 10.84 4.81 10.86
N VAL B 336 10.96 5.61 9.80
CA VAL B 336 10.35 6.92 9.80
C VAL B 336 9.58 7.14 8.51
N LEU B 337 8.60 8.05 8.58
CA LEU B 337 7.93 8.58 7.40
C LEU B 337 8.55 9.92 7.04
N GLN B 338 8.63 10.19 5.74
CA GLN B 338 9.11 11.45 5.18
C GLN B 338 8.07 11.92 4.17
N LEU B 339 7.01 12.58 4.62
CA LEU B 339 5.95 12.98 3.71
C LEU B 339 6.45 14.05 2.75
N GLU B 340 6.28 13.80 1.44
CA GLU B 340 6.83 14.64 0.39
C GLU B 340 5.76 14.90 -0.68
N THR B 341 6.03 15.88 -1.54
CA THR B 341 5.23 16.15 -2.72
C THR B 341 6.17 16.38 -3.88
N ALA B 342 5.64 16.20 -5.10
CA ALA B 342 6.40 16.31 -6.33
C ALA B 342 6.08 17.61 -7.03
N ALA B 343 7.08 18.20 -7.69
CA ALA B 343 6.82 19.45 -8.38
C ALA B 343 5.91 19.22 -9.59
N GLY B 344 6.12 18.13 -10.33
CA GLY B 344 5.29 17.88 -11.49
C GLY B 344 3.82 17.72 -11.17
N ALA B 345 3.50 17.19 -9.99
CA ALA B 345 2.11 17.00 -9.60
C ALA B 345 1.35 18.32 -9.44
N ALA B 346 2.05 19.45 -9.34
CA ALA B 346 1.36 20.72 -9.18
C ALA B 346 0.60 21.15 -10.43
N ILE B 347 0.83 20.50 -11.58
CA ILE B 347 0.33 21.03 -12.85
C ILE B 347 -1.19 21.11 -12.87
N ARG B 348 -1.88 20.24 -12.11
CA ARG B 348 -3.33 20.26 -12.21
C ARG B 348 -3.95 21.49 -11.57
N PHE B 349 -3.15 22.33 -10.89
CA PHE B 349 -3.68 23.52 -10.25
C PHE B 349 -3.42 24.78 -11.05
N PHE B 350 -2.64 24.69 -12.13
CA PHE B 350 -2.27 25.84 -12.93
C PHE B 350 -3.16 25.90 -14.17
N ASP B 351 -3.45 27.13 -14.60
CA ASP B 351 -4.34 27.34 -15.74
C ASP B 351 -3.56 27.36 -17.04
N LYS B 352 -4.27 27.03 -18.13
CA LYS B 352 -3.67 26.91 -19.45
C LYS B 352 -2.45 26.00 -19.42
N ALA B 353 -2.47 24.99 -18.54
CA ALA B 353 -1.33 24.11 -18.40
C ALA B 353 -1.27 23.11 -19.55
N ILE B 354 -0.05 22.79 -20.00
CA ILE B 354 0.18 21.90 -21.12
C ILE B 354 1.39 21.03 -20.83
N GLY B 355 1.53 19.97 -21.59
CA GLY B 355 2.80 19.30 -21.73
C GLY B 355 3.38 19.71 -23.06
N ILE B 356 4.70 19.60 -23.17
CA ILE B 356 5.35 19.60 -24.47
C ILE B 356 6.15 18.31 -24.57
N ASN B 357 5.96 17.58 -25.67
CA ASN B 357 6.57 16.28 -25.84
C ASN B 357 7.91 16.49 -26.55
N VAL B 358 9.02 16.36 -25.81
CA VAL B 358 10.33 16.75 -26.30
C VAL B 358 11.17 15.54 -26.69
N PRO B 359 12.13 15.69 -27.60
CA PRO B 359 13.07 14.59 -27.87
C PRO B 359 13.85 14.19 -26.63
N ARG B 360 14.29 12.93 -26.60
CA ARG B 360 14.95 12.40 -25.42
C ARG B 360 16.33 13.00 -25.19
N SER B 361 16.86 13.75 -26.14
CA SER B 361 18.10 14.45 -25.87
C SER B 361 17.94 15.47 -24.74
N ARG B 362 16.70 15.89 -24.42
CA ARG B 362 16.46 16.74 -23.26
C ARG B 362 16.29 15.95 -21.96
N PHE B 363 16.46 14.63 -22.01
CA PHE B 363 16.33 13.78 -20.82
C PHE B 363 17.57 12.90 -20.80
N LEU B 364 18.62 13.40 -20.16
CA LEU B 364 19.88 12.68 -20.02
C LEU B 364 20.27 12.71 -18.54
N PRO B 365 19.58 11.95 -17.70
CA PRO B 365 19.85 12.02 -16.26
C PRO B 365 21.02 11.12 -15.89
N VAL B 366 21.87 11.62 -15.00
CA VAL B 366 22.94 10.80 -14.45
C VAL B 366 22.50 10.36 -13.06
N LYS B 367 22.04 9.11 -12.97
CA LYS B 367 21.62 8.52 -11.71
C LYS B 367 22.54 7.42 -11.21
N ALA B 368 23.38 6.84 -12.08
CA ALA B 368 24.27 5.78 -11.66
C ALA B 368 25.60 5.98 -12.36
N THR B 369 26.62 5.25 -11.90
CA THR B 369 27.90 5.30 -12.61
C THR B 369 27.79 4.75 -14.02
N SER B 370 26.81 3.89 -14.31
CA SER B 370 26.63 3.46 -15.69
C SER B 370 26.32 4.64 -16.60
N ASP B 371 25.61 5.66 -16.08
CA ASP B 371 25.36 6.88 -16.85
C ASP B 371 26.62 7.71 -17.01
N LEU B 372 27.48 7.72 -15.99
CA LEU B 372 28.77 8.38 -16.13
C LEU B 372 29.58 7.76 -17.24
N LEU B 373 29.54 6.43 -17.34
CA LEU B 373 30.27 5.73 -18.40
C LEU B 373 29.86 6.29 -19.75
N LEU B 374 28.55 6.40 -19.99
CA LEU B 374 28.04 6.94 -21.25
C LEU B 374 28.59 8.34 -21.51
N VAL B 375 28.39 9.27 -20.58
CA VAL B 375 28.76 10.66 -20.90
C VAL B 375 30.28 10.87 -20.89
N GLN B 376 31.05 10.03 -20.19
CA GLN B 376 32.50 10.17 -20.19
C GLN B 376 33.18 9.45 -21.34
N SER B 377 32.43 8.70 -22.14
CA SER B 377 32.95 7.93 -23.27
C SER B 377 33.07 8.82 -24.50
N ASP B 378 33.45 8.20 -25.62
CA ASP B 378 33.48 8.89 -26.89
C ASP B 378 32.08 9.11 -27.47
N LEU B 379 31.04 8.66 -26.77
CA LEU B 379 29.68 8.93 -27.22
C LEU B 379 29.30 10.40 -27.07
N TYR B 380 29.98 11.14 -26.20
CA TYR B 380 29.71 12.54 -25.95
C TYR B 380 31.02 13.32 -25.91
N THR B 381 30.91 14.63 -26.14
CA THR B 381 31.99 15.57 -25.86
C THR B 381 31.38 16.81 -25.23
N LEU B 382 32.26 17.70 -24.72
CA LEU B 382 31.85 18.97 -24.14
C LEU B 382 32.17 20.10 -25.11
N VAL B 383 31.18 20.94 -25.38
CA VAL B 383 31.34 22.10 -26.26
C VAL B 383 30.74 23.32 -25.56
N ASP B 384 31.61 24.21 -25.08
CA ASP B 384 31.19 25.41 -24.36
C ASP B 384 30.22 25.05 -23.23
N GLY B 385 30.54 23.99 -22.48
CA GLY B 385 29.74 23.56 -21.36
C GLY B 385 28.60 22.63 -21.69
N PHE B 386 28.19 22.53 -22.95
CA PHE B 386 27.10 21.65 -23.35
C PHE B 386 27.61 20.25 -23.68
N VAL B 387 26.83 19.25 -23.30
CA VAL B 387 27.16 17.85 -23.55
C VAL B 387 26.61 17.50 -24.92
N ILE B 388 27.49 17.26 -25.88
CA ILE B 388 27.11 17.07 -27.28
C ILE B 388 27.33 15.62 -27.68
N ARG B 389 26.28 14.98 -28.21
CA ARG B 389 26.39 13.59 -28.61
C ARG B 389 27.21 13.46 -29.89
N ASN B 390 28.07 12.45 -29.93
CA ASN B 390 28.91 12.19 -31.10
C ASN B 390 28.04 11.88 -32.31
N PRO B 391 28.11 12.67 -33.38
CA PRO B 391 27.27 12.40 -34.56
C PRO B 391 27.66 11.12 -35.30
N ALA B 392 28.79 10.52 -34.96
CA ALA B 392 29.21 9.29 -35.63
C ALA B 392 28.39 8.09 -35.20
N ARG B 393 27.65 8.18 -34.09
CA ARG B 393 26.73 7.10 -33.71
C ARG B 393 25.39 7.38 -34.37
N ALA B 394 25.08 6.64 -35.43
CA ALA B 394 23.85 6.86 -36.19
C ALA B 394 22.61 6.49 -35.37
N ASN B 395 22.71 5.47 -34.56
CA ASN B 395 21.60 5.03 -33.71
C ASN B 395 21.25 6.09 -32.68
N PRO B 396 20.02 6.64 -32.69
CA PRO B 396 19.66 7.66 -31.69
C PRO B 396 19.46 7.11 -30.29
N ALA B 397 19.38 5.79 -30.14
CA ALA B 397 19.36 5.17 -28.81
C ALA B 397 20.78 4.96 -28.29
N ASN B 398 20.96 5.27 -27.03
CA ASN B 398 22.23 5.02 -26.36
C ASN B 398 22.33 3.53 -26.03
N PRO B 399 23.55 2.98 -25.96
CA PRO B 399 23.69 1.59 -25.55
C PRO B 399 23.27 1.42 -24.11
N SER B 400 22.75 0.25 -23.81
CA SER B 400 22.38 -0.12 -22.46
C SER B 400 23.63 -0.51 -21.69
N ILE B 401 23.77 -0.03 -20.45
CA ILE B 401 24.96 -0.31 -19.67
C ILE B 401 24.56 -0.73 -18.27
N GLU B 402 25.02 -1.91 -17.86
CA GLU B 402 24.69 -2.49 -16.57
C GLU B 402 25.97 -2.97 -15.90
N LEU B 403 26.22 -2.47 -14.69
CA LEU B 403 27.41 -2.80 -13.92
C LEU B 403 27.00 -3.30 -12.55
N GLY B 404 27.74 -4.27 -12.02
CA GLY B 404 27.47 -4.80 -10.70
C GLY B 404 27.79 -3.80 -9.61
N PRO B 405 27.50 -4.18 -8.36
CA PRO B 405 27.67 -3.25 -7.24
C PRO B 405 29.11 -2.79 -7.04
N GLU B 406 30.07 -3.55 -7.56
CA GLU B 406 31.48 -3.16 -7.50
C GLU B 406 31.72 -1.78 -8.10
N PHE B 407 30.87 -1.36 -9.04
CA PHE B 407 30.98 -0.10 -9.76
C PHE B 407 30.03 0.98 -9.22
N LYS B 408 29.30 0.69 -8.14
CA LYS B 408 28.23 1.59 -7.70
C LYS B 408 28.78 2.95 -7.28
N LYS B 409 29.87 2.96 -6.51
CA LYS B 409 30.47 4.20 -6.05
C LYS B 409 31.37 4.80 -7.14
N VAL B 410 31.28 6.12 -7.32
CA VAL B 410 32.04 6.82 -8.36
C VAL B 410 33.53 6.47 -8.28
N ALA B 411 34.12 6.56 -7.09
CA ALA B 411 35.57 6.33 -6.98
C ALA B 411 35.94 4.93 -7.42
N ASN B 412 35.12 3.93 -7.06
CA ASN B 412 35.38 2.56 -7.47
C ASN B 412 35.19 2.39 -8.97
N PHE B 413 34.16 3.04 -9.52
CA PHE B 413 33.94 3.03 -10.96
C PHE B 413 35.14 3.61 -11.70
N LEU B 414 35.68 4.73 -11.22
CA LEU B 414 36.82 5.33 -11.91
C LEU B 414 38.05 4.43 -11.80
N ALA B 415 38.25 3.78 -10.63
CA ALA B 415 39.40 2.90 -10.48
C ALA B 415 39.31 1.72 -11.45
N ARG B 416 38.11 1.22 -11.70
CA ARG B 416 37.95 0.02 -12.51
C ARG B 416 37.94 0.30 -14.00
N PHE B 417 38.06 1.56 -14.42
CA PHE B 417 38.21 1.91 -15.84
C PHE B 417 39.48 2.76 -16.00
N LYS B 418 40.60 2.12 -16.38
CA LYS B 418 41.84 2.87 -16.59
C LYS B 418 41.62 4.01 -17.58
N SER B 419 40.84 3.74 -18.63
CA SER B 419 40.18 4.78 -19.40
C SER B 419 38.77 4.28 -19.69
N ILE B 420 37.90 5.16 -20.16
CA ILE B 420 36.55 4.76 -20.53
C ILE B 420 36.60 4.11 -21.91
N PRO B 421 36.09 2.89 -22.07
CA PRO B 421 36.17 2.23 -23.38
C PRO B 421 35.38 3.00 -24.44
N SER B 422 35.78 2.83 -25.70
CA SER B 422 35.00 3.35 -26.82
C SER B 422 33.75 2.50 -27.02
N ILE B 423 32.59 3.16 -27.12
CA ILE B 423 31.30 2.49 -27.18
C ILE B 423 30.42 3.06 -28.28
N VAL B 424 30.99 3.86 -29.18
CA VAL B 424 30.20 4.40 -30.30
C VAL B 424 29.42 3.28 -30.98
N GLU B 425 30.03 2.10 -31.12
CA GLU B 425 29.39 0.99 -31.82
C GLU B 425 28.82 -0.07 -30.89
N LEU B 426 28.71 0.24 -29.60
CA LEU B 426 28.19 -0.72 -28.62
C LEU B 426 26.66 -0.81 -28.69
N ASP B 427 26.14 -2.03 -28.52
CA ASP B 427 24.72 -2.25 -28.33
C ASP B 427 24.35 -2.31 -26.86
N SER B 428 25.03 -3.17 -26.10
CA SER B 428 24.75 -3.32 -24.68
C SER B 428 25.98 -3.88 -23.98
N LEU B 429 26.18 -3.46 -22.74
CA LEU B 429 27.27 -4.01 -21.93
C LEU B 429 26.71 -4.43 -20.57
N LYS B 430 27.02 -5.65 -20.16
CA LYS B 430 26.73 -6.10 -18.80
C LYS B 430 28.01 -6.62 -18.18
N VAL B 431 28.29 -6.15 -16.97
CA VAL B 431 29.49 -6.53 -16.21
C VAL B 431 29.05 -6.99 -14.83
N SER B 432 29.54 -8.16 -14.40
CA SER B 432 29.36 -8.57 -13.01
C SER B 432 30.65 -9.18 -12.50
N GLY B 433 30.82 -9.15 -11.19
CA GLY B 433 32.02 -9.66 -10.56
C GLY B 433 33.13 -8.62 -10.48
N ASP B 434 34.26 -9.09 -9.95
CA ASP B 434 35.43 -8.24 -9.66
C ASP B 434 36.19 -8.01 -10.97
N VAL B 435 35.81 -6.98 -11.70
CA VAL B 435 36.31 -6.74 -13.05
C VAL B 435 37.05 -5.40 -13.11
N TRP B 436 38.21 -5.41 -13.75
CA TRP B 436 39.07 -4.24 -13.90
C TRP B 436 39.40 -4.07 -15.38
N PHE B 437 38.97 -2.94 -15.95
CA PHE B 437 39.23 -2.60 -17.34
C PHE B 437 40.53 -1.84 -17.46
N GLY B 438 41.38 -2.25 -18.39
CA GLY B 438 42.53 -1.43 -18.78
C GLY B 438 42.14 -0.23 -19.63
N SER B 439 43.08 0.32 -20.37
CA SER B 439 42.82 1.49 -21.20
C SER B 439 42.85 1.13 -22.67
N GLY B 440 42.30 2.02 -23.50
CA GLY B 440 42.33 1.78 -24.93
C GLY B 440 41.47 0.62 -25.41
N ILE B 441 40.43 0.28 -24.66
CA ILE B 441 39.54 -0.83 -24.98
C ILE B 441 38.41 -0.34 -25.87
N THR B 442 37.97 -1.18 -26.81
CA THR B 442 36.81 -0.90 -27.65
C THR B 442 35.76 -1.98 -27.45
N LEU B 443 34.51 -1.57 -27.25
CA LEU B 443 33.39 -2.48 -27.09
C LEU B 443 32.42 -2.28 -28.24
N LYS B 444 32.04 -3.38 -28.89
CA LYS B 444 31.10 -3.35 -30.00
C LYS B 444 30.03 -4.41 -29.79
N GLY B 445 28.82 -4.09 -30.24
CA GLY B 445 27.73 -5.06 -30.23
C GLY B 445 27.26 -5.38 -28.83
N LYS B 446 27.04 -6.67 -28.58
CA LYS B 446 26.60 -7.18 -27.29
C LYS B 446 27.80 -7.75 -26.55
N VAL B 447 28.13 -7.17 -25.40
CA VAL B 447 29.27 -7.61 -24.59
C VAL B 447 28.77 -7.92 -23.19
N THR B 448 29.11 -9.11 -22.71
CA THR B 448 28.85 -9.54 -21.34
C THR B 448 30.18 -9.94 -20.72
N ILE B 449 30.40 -9.55 -19.46
CA ILE B 449 31.61 -9.93 -18.74
C ILE B 449 31.18 -10.40 -17.35
N THR B 450 31.48 -11.65 -17.03
CA THR B 450 31.00 -12.32 -15.82
C THR B 450 32.21 -12.96 -15.14
N ALA B 451 32.75 -12.24 -14.16
CA ALA B 451 33.87 -12.74 -13.38
C ALA B 451 33.32 -13.62 -12.27
N LYS B 452 33.69 -14.90 -12.30
CA LYS B 452 33.20 -15.86 -11.32
C LYS B 452 33.71 -15.50 -9.93
N SER B 453 33.07 -16.07 -8.93
CA SER B 453 33.42 -15.80 -7.54
C SER B 453 34.91 -16.09 -7.30
N GLY B 454 35.61 -15.13 -6.71
CA GLY B 454 37.01 -15.28 -6.43
C GLY B 454 37.94 -14.86 -7.54
N VAL B 455 37.40 -14.51 -8.71
CA VAL B 455 38.21 -14.21 -9.89
C VAL B 455 38.33 -12.71 -10.03
N LYS B 456 39.55 -12.20 -10.00
CA LYS B 456 39.80 -10.78 -10.27
C LYS B 456 40.16 -10.70 -11.75
N LEU B 457 39.18 -10.35 -12.57
CA LEU B 457 39.33 -10.44 -14.02
C LEU B 457 39.78 -9.11 -14.60
N GLU B 458 40.86 -9.14 -15.40
CA GLU B 458 41.42 -7.95 -16.03
C GLU B 458 41.15 -7.95 -17.53
N ILE B 459 40.54 -6.88 -18.02
CA ILE B 459 40.35 -6.67 -19.45
C ILE B 459 41.60 -5.93 -19.96
N PRO B 460 42.40 -6.54 -20.84
CA PRO B 460 43.73 -5.98 -21.11
C PRO B 460 43.68 -4.66 -21.87
N ASP B 461 44.71 -3.85 -21.67
CA ASP B 461 44.89 -2.65 -22.47
C ASP B 461 44.78 -2.97 -23.95
N GLY B 462 44.03 -2.14 -24.66
CA GLY B 462 43.87 -2.26 -26.10
C GLY B 462 42.88 -3.31 -26.57
N ALA B 463 42.26 -4.03 -25.64
CA ALA B 463 41.34 -5.11 -26.02
C ALA B 463 40.16 -4.58 -26.82
N VAL B 464 39.72 -5.37 -27.79
CA VAL B 464 38.50 -5.12 -28.56
C VAL B 464 37.55 -6.27 -28.27
N LEU B 465 36.39 -5.97 -27.69
CA LEU B 465 35.39 -6.99 -27.44
C LEU B 465 34.17 -6.71 -28.30
N GLU B 466 33.82 -7.64 -29.18
CA GLU B 466 32.70 -7.45 -30.09
C GLU B 466 31.82 -8.69 -30.10
N ASN B 467 30.55 -8.52 -29.71
CA ASN B 467 29.59 -9.63 -29.66
C ASN B 467 30.19 -10.84 -28.94
N LYS B 468 30.54 -10.63 -27.68
CA LYS B 468 31.34 -11.60 -26.94
C LYS B 468 30.83 -11.71 -25.51
N ASP B 469 30.73 -12.93 -25.03
CA ASP B 469 30.52 -13.22 -23.62
C ASP B 469 31.86 -13.62 -23.02
N VAL B 470 32.29 -12.91 -21.98
CA VAL B 470 33.54 -13.20 -21.28
C VAL B 470 33.18 -13.78 -19.93
N ASN B 471 33.54 -15.04 -19.69
CA ASN B 471 33.25 -15.70 -18.43
C ASN B 471 34.51 -16.07 -17.66
N GLY B 472 35.67 -15.63 -18.13
CA GLY B 472 36.92 -15.93 -17.48
C GLY B 472 38.10 -15.52 -18.33
N PRO B 473 39.32 -15.76 -17.85
CA PRO B 473 40.51 -15.44 -18.65
C PRO B 473 40.56 -16.18 -19.98
N GLU B 474 39.98 -17.39 -20.03
CA GLU B 474 40.02 -18.17 -21.26
C GLU B 474 39.29 -17.48 -22.41
N ASP B 475 38.48 -16.46 -22.12
CA ASP B 475 37.81 -15.67 -23.15
C ASP B 475 38.54 -14.38 -23.49
N LEU B 476 39.72 -14.16 -22.93
CA LEU B 476 40.51 -12.97 -23.22
C LEU B 476 41.88 -13.33 -23.81
C1 EDO C . -18.53 -24.91 21.65
O1 EDO C . -19.95 -24.69 21.66
C2 EDO C . -17.98 -24.99 20.23
O2 EDO C . -18.11 -23.74 19.57
C1 EDO D . -22.94 10.23 33.43
O1 EDO D . -23.52 10.88 34.58
C2 EDO D . -21.46 10.56 33.36
O2 EDO D . -20.82 9.99 34.50
C1 EDO E . -34.08 -20.43 8.46
O1 EDO E . -33.70 -21.20 9.61
C2 EDO E . -35.28 -21.06 7.75
O2 EDO E . -34.98 -22.43 7.40
S SO4 F . -12.44 -7.98 12.28
O1 SO4 F . -12.52 -8.39 13.69
O2 SO4 F . -12.92 -6.62 12.12
O3 SO4 F . -11.03 -8.02 11.88
O4 SO4 F . -13.23 -8.88 11.47
S SO4 G . -25.08 -13.17 34.30
O1 SO4 G . -26.45 -13.63 34.13
O2 SO4 G . -24.54 -13.73 35.54
O3 SO4 G . -25.05 -11.71 34.37
O4 SO4 G . -24.28 -13.62 33.17
S SO4 H . -14.12 -16.83 5.07
O1 SO4 H . -14.45 -15.47 4.67
O2 SO4 H . -14.25 -16.96 6.53
O3 SO4 H . -12.74 -17.11 4.69
O4 SO4 H . -15.04 -17.76 4.40
S SO4 I . 19.31 10.12 -6.56
O1 SO4 I . 19.34 10.27 -5.11
O2 SO4 I . 17.92 10.22 -7.05
O3 SO4 I . 19.84 8.81 -6.93
O4 SO4 I . 20.13 11.18 -7.16
S SO4 J . 36.22 16.73 -24.90
O1 SO4 J . 35.07 16.94 -24.03
O2 SO4 J . 37.13 17.87 -24.76
O3 SO4 J . 35.78 16.64 -26.29
O4 SO4 J . 36.91 15.49 -24.53
S SO4 K . 12.55 28.94 3.61
O1 SO4 K . 13.08 27.70 4.20
O2 SO4 K . 11.70 29.60 4.59
O3 SO4 K . 11.78 28.60 2.42
O4 SO4 K . 13.65 29.84 3.23
S SO4 L . 9.43 15.71 -9.03
O1 SO4 L . 8.31 16.11 -9.91
O2 SO4 L . 9.28 16.29 -7.71
O3 SO4 L . 9.41 14.25 -8.90
O4 SO4 L . 10.70 16.13 -9.61
S SO4 M . 22.02 34.94 -2.38
O1 SO4 M . 20.59 34.91 -2.06
O2 SO4 M . 22.77 35.29 -1.18
O3 SO4 M . 22.45 33.64 -2.85
O4 SO4 M . 22.28 35.97 -3.40
#